data_3MAS
#
_entry.id   3MAS
#
_cell.length_a   83.136
_cell.length_b   83.136
_cell.length_c   308.508
_cell.angle_alpha   90.000
_cell.angle_beta   90.000
_cell.angle_gamma   90.000
#
_symmetry.space_group_name_H-M   'P 43 21 2'
#
loop_
_entity.id
_entity.type
_entity.pdbx_description
1 polymer 'Isocitrate dehydrogenase [NADP] cytoplasmic'
2 polymer 'Isocitrate dehydrogenase [NADP] cytoplasmic'
3 non-polymer 'NADP NICOTINAMIDE-ADENINE-DINUCLEOTIDE PHOSPHATE'
4 non-polymer 'ISOCITRIC ACID'
#
loop_
_entity_poly.entity_id
_entity_poly.type
_entity_poly.pdbx_seq_one_letter_code
_entity_poly.pdbx_strand_id
1 'polypeptide(L)'
;MSKKISGGSVVEMQGDEMTRIIWELIKEKLIFPYVELDLHSYDLGIENRDATNDQVTKDAAEAIKKHNVGVKCATITPDE
KRVEEFKLKQMWKSPNGTIRNILGGTVFREAIICKNIPRLVSGWVKPIIIGHHAYGDQYRATDFVVPGPGKVEITYTPSD
GTQKVTYLVHNFEEGGGVAMGMYNQDKSIEDFAHSSFQMALSKGWPLYLSTKNTILKKYDGRFKDIFQEIYDKQYKSQFE
AQKIWYEHRLIDDMVAQAMKSEGGFIWACKNYDGDVQSDSVAQGYGSLGMMTSVLVCPDGKTVEAEAAHGTVTRHYRMYQ
KGQETSTNPIASIFAWTRGLAHRAKLDNNKELAFFANALEEVSIETIEAGFMTKDLAACIKGLPNVQRSDYLNTFEFMDK
LGENLKIKLAQAKLLEHHHHHH
;
A
2 'polypeptide(L)'
;GSPEFMSKKISGGSVVEMQGDEMTRIIWELIKEKLIFPYVELDLHSYDLGIENRDATNDQVTKDAAEAIKKHNVGVKCAT
ITPDEKRVEEFKLKQMWKSPNGTIRNILGGTVFREAIICKNIPRLVSGWVKPIIIGRHAYGDQYRATDFVVPGPGKVEIT
YTPSDGTQKVTYLVHNFEEGGGVAMGMYNQDKSIEDFAHSSFQMALSKGWPLYLSTKNTILKKYDGRFKDIFQEIYDKQY
KSQFEAQKIWYEHRLIDDMVAQAMKSEGGFIWACKNYDGDVQSDSVAQGYGSLGMMTSVLVCPDGKTVEAEAAHGTVTRH
YRMYQKGQETSTNPIASIFAWTRGLAHRAKLDNNKELAFFANALEEVSIETIEAGFMTKDLAACIKGLPNVQRSDYLNTF
EFMDKLGENLKIKLAQAKL
;
B
#
loop_
_chem_comp.id
_chem_comp.type
_chem_comp.name
_chem_comp.formula
ICT non-polymer 'ISOCITRIC ACID' 'C6 H8 O7'
NAP non-polymer 'NADP NICOTINAMIDE-ADENINE-DINUCLEOTIDE PHOSPHATE' 'C21 H28 N7 O17 P3'
#
# COMPACT_ATOMS: atom_id res chain seq x y z
N LYS A 3 -32.20 -19.32 29.44
CA LYS A 3 -31.09 -19.13 30.37
C LYS A 3 -29.75 -19.16 29.64
N LYS A 4 -28.69 -18.74 30.33
CA LYS A 4 -27.35 -18.63 29.76
C LYS A 4 -26.96 -19.74 28.77
N ILE A 5 -26.03 -19.40 27.87
CA ILE A 5 -25.54 -20.34 26.85
C ILE A 5 -24.32 -21.12 27.33
N SER A 6 -24.29 -22.40 27.03
CA SER A 6 -23.15 -23.24 27.36
C SER A 6 -21.98 -22.89 26.45
N GLY A 7 -21.07 -22.05 26.95
CA GLY A 7 -19.97 -21.56 26.14
C GLY A 7 -18.91 -22.61 25.90
N GLY A 8 -18.34 -23.13 26.97
CA GLY A 8 -17.26 -24.09 26.88
C GLY A 8 -15.95 -23.49 27.35
N SER A 9 -14.84 -24.09 26.95
CA SER A 9 -13.54 -23.60 27.37
C SER A 9 -13.02 -22.50 26.44
N VAL A 10 -12.63 -21.39 27.05
CA VAL A 10 -12.10 -20.27 26.29
C VAL A 10 -10.99 -19.59 27.08
N VAL A 11 -9.91 -19.24 26.39
CA VAL A 11 -8.77 -18.60 27.02
C VAL A 11 -8.79 -17.07 26.84
N GLU A 12 -9.20 -16.35 27.88
CA GLU A 12 -9.25 -14.90 27.84
C GLU A 12 -7.95 -14.30 28.36
N MET A 13 -7.58 -13.15 27.83
CA MET A 13 -6.31 -12.51 28.18
C MET A 13 -6.48 -11.01 28.31
N GLN A 14 -6.23 -10.47 29.49
CA GLN A 14 -6.49 -9.06 29.76
C GLN A 14 -5.31 -8.18 29.40
N GLY A 15 -5.59 -6.98 28.90
CA GLY A 15 -4.54 -6.11 28.38
C GLY A 15 -4.20 -4.91 29.24
N ASP A 16 -3.97 -3.78 28.60
CA ASP A 16 -3.51 -2.58 29.29
C ASP A 16 -4.30 -1.33 28.92
N GLU A 17 -4.23 -0.33 29.79
CA GLU A 17 -4.78 0.99 29.51
C GLU A 17 -6.21 0.95 28.98
N MET A 18 -6.50 1.84 28.03
CA MET A 18 -7.87 2.04 27.57
C MET A 18 -8.56 0.74 27.18
N THR A 19 -7.86 -0.10 26.42
CA THR A 19 -8.44 -1.35 25.95
C THR A 19 -8.82 -2.27 27.10
N ARG A 20 -7.97 -2.34 28.12
CA ARG A 20 -8.24 -3.15 29.30
C ARG A 20 -9.51 -2.67 30.00
N ILE A 21 -9.81 -1.39 29.83
CA ILE A 21 -11.00 -0.81 30.43
C ILE A 21 -12.25 -1.19 29.64
N ILE A 22 -12.26 -0.90 28.35
CA ILE A 22 -13.40 -1.21 27.51
C ILE A 22 -13.58 -2.72 27.47
N TRP A 23 -12.49 -3.44 27.74
CA TRP A 23 -12.51 -4.89 27.74
C TRP A 23 -13.39 -5.43 28.85
N GLU A 24 -13.37 -4.77 30.00
CA GLU A 24 -14.21 -5.17 31.12
C GLU A 24 -15.67 -4.86 30.86
N LEU A 25 -15.92 -3.77 30.13
CA LEU A 25 -17.28 -3.37 29.79
C LEU A 25 -17.89 -4.35 28.80
N ILE A 26 -17.11 -4.74 27.80
CA ILE A 26 -17.59 -5.72 26.84
C ILE A 26 -17.99 -6.99 27.57
N LYS A 27 -17.10 -7.47 28.41
CA LYS A 27 -17.27 -8.75 29.07
C LYS A 27 -18.55 -8.81 29.90
N GLU A 28 -18.83 -7.75 30.64
CA GLU A 28 -19.94 -7.76 31.60
C GLU A 28 -21.25 -7.31 30.98
N LYS A 29 -21.18 -6.41 30.01
CA LYS A 29 -22.37 -5.88 29.34
C LYS A 29 -22.85 -6.76 28.20
N LEU A 30 -21.92 -7.26 27.39
CA LEU A 30 -22.30 -7.92 26.15
C LEU A 30 -22.06 -9.43 26.08
N ILE A 31 -21.23 -9.96 26.97
CA ILE A 31 -20.91 -11.38 26.89
C ILE A 31 -21.46 -12.18 28.06
N PHE A 32 -21.14 -11.74 29.27
CA PHE A 32 -21.50 -12.48 30.48
C PHE A 32 -23.00 -12.67 30.70
N PRO A 33 -23.79 -11.60 30.50
CA PRO A 33 -25.23 -11.69 30.79
C PRO A 33 -25.94 -12.73 29.91
N TYR A 34 -25.22 -13.31 28.96
CA TYR A 34 -25.84 -14.22 28.00
C TYR A 34 -25.11 -15.56 27.86
N VAL A 35 -23.82 -15.59 28.15
CA VAL A 35 -23.05 -16.82 27.98
C VAL A 35 -22.25 -17.21 29.22
N GLU A 36 -22.25 -18.50 29.52
CA GLU A 36 -21.44 -19.05 30.61
C GLU A 36 -20.26 -19.83 30.03
N LEU A 37 -19.06 -19.50 30.48
CA LEU A 37 -17.86 -20.09 29.90
C LEU A 37 -16.94 -20.74 30.94
N ASP A 38 -16.42 -21.90 30.59
CA ASP A 38 -15.26 -22.44 31.30
C ASP A 38 -14.12 -21.50 30.97
N LEU A 39 -13.97 -20.46 31.77
CA LEU A 39 -13.06 -19.38 31.44
C LEU A 39 -11.65 -19.61 31.99
N HIS A 40 -10.69 -19.75 31.08
CA HIS A 40 -9.30 -19.83 31.47
C HIS A 40 -8.66 -18.46 31.29
N SER A 41 -8.85 -17.60 32.29
CA SER A 41 -8.47 -16.20 32.19
C SER A 41 -7.04 -15.93 32.68
N TYR A 42 -6.25 -15.27 31.83
CA TYR A 42 -4.88 -14.91 32.17
C TYR A 42 -4.69 -13.41 32.11
N ASP A 43 -3.90 -12.87 33.02
CA ASP A 43 -3.73 -11.43 33.12
C ASP A 43 -2.43 -10.98 32.48
N LEU A 44 -2.53 -10.42 31.27
CA LEU A 44 -1.34 -9.94 30.57
C LEU A 44 -1.11 -8.45 30.76
N GLY A 45 -1.61 -7.91 31.86
CA GLY A 45 -1.33 -6.53 32.22
C GLY A 45 0.15 -6.38 32.45
N ILE A 46 0.74 -5.32 31.91
CA ILE A 46 2.18 -5.10 31.99
C ILE A 46 2.74 -5.35 33.40
N GLU A 47 2.03 -4.87 34.41
CA GLU A 47 2.49 -5.02 35.79
C GLU A 47 2.61 -6.51 36.14
N ASN A 48 1.56 -7.26 35.82
CA ASN A 48 1.52 -8.68 36.13
C ASN A 48 2.53 -9.50 35.32
N ARG A 49 2.77 -9.09 34.09
CA ARG A 49 3.81 -9.72 33.29
C ARG A 49 5.15 -9.43 33.94
N ASP A 50 5.26 -8.27 34.57
CA ASP A 50 6.48 -7.92 35.27
C ASP A 50 6.63 -8.82 36.49
N ALA A 51 5.63 -8.75 37.38
CA ALA A 51 5.64 -9.53 38.62
C ALA A 51 5.90 -11.00 38.38
N THR A 52 5.32 -11.56 37.32
CA THR A 52 5.47 -12.99 37.04
C THR A 52 6.63 -13.28 36.09
N ASN A 53 7.43 -12.25 35.80
CA ASN A 53 8.56 -12.40 34.88
C ASN A 53 8.14 -12.90 33.49
N ASP A 54 7.02 -12.39 33.02
CA ASP A 54 6.44 -12.76 31.72
C ASP A 54 5.99 -14.21 31.71
N GLN A 55 6.18 -14.91 32.82
CA GLN A 55 5.75 -16.31 32.92
C GLN A 55 4.33 -16.41 32.41
N VAL A 56 3.49 -15.48 32.84
CA VAL A 56 2.08 -15.52 32.53
C VAL A 56 1.82 -15.57 31.03
N THR A 57 2.57 -14.77 30.28
CA THR A 57 2.42 -14.71 28.83
C THR A 57 2.62 -16.08 28.19
N LYS A 58 3.65 -16.79 28.63
CA LYS A 58 3.94 -18.11 28.09
C LYS A 58 2.83 -19.08 28.45
N ASP A 59 2.39 -19.02 29.70
CA ASP A 59 1.30 -19.87 30.17
C ASP A 59 0.07 -19.71 29.29
N ALA A 60 -0.30 -18.45 29.03
CA ALA A 60 -1.47 -18.12 28.23
C ALA A 60 -1.39 -18.75 26.84
N ALA A 61 -0.21 -18.69 26.22
CA ALA A 61 -0.01 -19.28 24.91
C ALA A 61 -0.13 -20.79 25.01
N GLU A 62 0.38 -21.34 26.10
CA GLU A 62 0.29 -22.78 26.35
C GLU A 62 -1.17 -23.19 26.49
N ALA A 63 -1.97 -22.31 27.09
CA ALA A 63 -3.40 -22.56 27.30
C ALA A 63 -4.18 -22.55 25.99
N ILE A 64 -3.87 -21.60 25.11
CA ILE A 64 -4.52 -21.51 23.81
C ILE A 64 -4.21 -22.76 23.00
N LYS A 65 -2.95 -23.18 23.07
CA LYS A 65 -2.51 -24.38 22.36
C LYS A 65 -3.40 -25.55 22.74
N LYS A 66 -3.81 -25.57 24.01
CA LYS A 66 -4.59 -26.66 24.56
C LYS A 66 -6.08 -26.57 24.19
N HIS A 67 -6.67 -25.40 24.42
CA HIS A 67 -8.12 -25.22 24.27
C HIS A 67 -8.53 -24.61 22.94
N ASN A 68 -7.55 -24.35 22.08
CA ASN A 68 -7.80 -24.00 20.67
C ASN A 68 -8.36 -22.60 20.44
N VAL A 69 -8.89 -21.97 21.49
CA VAL A 69 -9.55 -20.68 21.32
C VAL A 69 -9.09 -19.66 22.35
N GLY A 70 -8.59 -18.53 21.86
CA GLY A 70 -8.14 -17.48 22.74
C GLY A 70 -8.51 -16.09 22.24
N VAL A 71 -9.07 -15.27 23.13
CA VAL A 71 -9.36 -13.88 22.80
C VAL A 71 -8.49 -12.96 23.66
N LYS A 72 -7.85 -11.98 23.03
CA LYS A 72 -6.86 -11.15 23.72
C LYS A 72 -7.17 -9.66 23.73
N CYS A 73 -6.83 -9.01 24.83
CA CYS A 73 -6.94 -7.56 24.94
C CYS A 73 -5.61 -6.93 24.59
N ALA A 74 -5.64 -5.73 24.03
CA ALA A 74 -4.42 -5.07 23.62
C ALA A 74 -3.47 -4.91 24.80
N THR A 75 -2.19 -5.17 24.57
CA THR A 75 -1.20 -5.12 25.63
C THR A 75 -0.01 -4.24 25.26
N ILE A 76 0.49 -3.51 26.25
CA ILE A 76 1.68 -2.68 26.08
C ILE A 76 2.89 -3.52 25.72
N THR A 77 3.52 -3.21 24.61
CA THR A 77 4.82 -3.78 24.27
C THR A 77 5.88 -2.78 24.67
N PRO A 78 6.71 -3.13 25.66
CA PRO A 78 7.58 -2.18 26.35
C PRO A 78 8.80 -1.71 25.55
N ASP A 79 9.15 -0.43 25.72
CA ASP A 79 10.42 0.10 25.25
C ASP A 79 11.08 0.88 26.39
N GLU A 80 12.03 1.75 26.06
CA GLU A 80 12.74 2.53 27.07
C GLU A 80 11.77 3.31 27.96
N LYS A 81 10.92 4.11 27.31
CA LYS A 81 9.98 4.99 28.00
C LYS A 81 9.08 4.20 28.95
N ARG A 82 8.61 3.04 28.50
CA ARG A 82 7.74 2.19 29.29
C ARG A 82 8.48 1.63 30.50
N VAL A 83 9.70 1.17 30.28
CA VAL A 83 10.54 0.62 31.35
C VAL A 83 10.70 1.62 32.49
N GLU A 84 10.87 2.89 32.14
CA GLU A 84 11.01 3.93 33.14
C GLU A 84 9.65 4.25 33.76
N GLU A 85 8.61 4.24 32.94
CA GLU A 85 7.26 4.50 33.39
C GLU A 85 6.82 3.50 34.46
N PHE A 86 7.19 2.23 34.27
CA PHE A 86 6.73 1.16 35.16
C PHE A 86 7.85 0.56 36.00
N LYS A 87 9.04 1.12 35.93
CA LYS A 87 10.20 0.56 36.61
C LYS A 87 10.35 -0.93 36.27
N LEU A 88 9.99 -1.27 35.04
CA LEU A 88 10.08 -2.65 34.56
C LEU A 88 11.45 -3.26 34.84
N LYS A 89 11.47 -4.36 35.58
CA LYS A 89 12.70 -5.05 35.93
C LYS A 89 13.46 -5.50 34.69
N GLN A 90 12.84 -5.33 33.53
CA GLN A 90 13.45 -5.68 32.27
C GLN A 90 12.58 -5.16 31.13
N MET A 91 13.03 -5.35 29.90
CA MET A 91 12.22 -4.99 28.74
C MET A 91 11.72 -6.25 28.05
N TRP A 92 10.47 -6.61 28.31
CA TRP A 92 9.93 -7.88 27.86
C TRP A 92 9.51 -7.82 26.40
N LYS A 93 9.48 -8.98 25.75
CA LYS A 93 9.09 -9.08 24.37
C LYS A 93 7.57 -8.98 24.22
N SER A 94 7.13 -8.41 23.10
CA SER A 94 5.70 -8.33 22.80
C SER A 94 5.04 -9.69 22.99
N PRO A 95 4.03 -9.75 23.86
CA PRO A 95 3.31 -11.01 24.13
C PRO A 95 2.77 -11.61 22.85
N ASN A 96 2.36 -10.78 21.90
CA ASN A 96 1.90 -11.27 20.60
C ASN A 96 3.02 -12.06 19.96
N GLY A 97 4.23 -11.53 20.05
CA GLY A 97 5.40 -12.20 19.52
C GLY A 97 5.65 -13.52 20.22
N THR A 98 5.56 -13.51 21.55
CA THR A 98 5.71 -14.72 22.34
C THR A 98 4.68 -15.77 21.93
N ILE A 99 3.41 -15.37 21.93
CA ILE A 99 2.33 -16.28 21.56
C ILE A 99 2.52 -16.79 20.14
N ARG A 100 2.82 -15.87 19.22
CA ARG A 100 3.00 -16.24 17.81
C ARG A 100 4.01 -17.35 17.62
N ASN A 101 5.12 -17.28 18.36
CA ASN A 101 6.17 -18.29 18.25
C ASN A 101 5.73 -19.63 18.81
N ILE A 102 4.97 -19.59 19.90
CA ILE A 102 4.48 -20.81 20.54
C ILE A 102 3.35 -21.44 19.75
N LEU A 103 2.58 -20.62 19.05
CA LEU A 103 1.40 -21.10 18.34
C LEU A 103 1.59 -21.23 16.83
N GLY A 104 2.34 -20.29 16.25
CA GLY A 104 2.52 -20.26 14.82
C GLY A 104 1.25 -19.83 14.10
N GLY A 105 1.16 -20.13 12.81
CA GLY A 105 -0.03 -19.79 12.04
C GLY A 105 0.11 -18.46 11.32
N THR A 106 -0.95 -18.07 10.62
CA THR A 106 -0.94 -16.82 9.85
C THR A 106 -2.05 -15.87 10.31
N VAL A 107 -1.68 -14.63 10.60
CA VAL A 107 -2.64 -13.62 11.03
C VAL A 107 -3.45 -13.04 9.87
N PHE A 108 -4.76 -12.98 10.05
CA PHE A 108 -5.64 -12.41 9.04
C PHE A 108 -6.38 -11.19 9.58
N ARG A 109 -6.36 -10.11 8.82
CA ARG A 109 -7.08 -8.90 9.21
C ARG A 109 -8.28 -8.66 8.29
N GLU A 110 -9.30 -8.00 8.83
CA GLU A 110 -10.52 -7.71 8.08
C GLU A 110 -11.21 -6.47 8.62
N ALA A 111 -11.43 -5.49 7.75
CA ALA A 111 -12.19 -4.29 8.12
C ALA A 111 -13.69 -4.58 7.98
N ILE A 112 -14.43 -4.47 9.09
CA ILE A 112 -15.88 -4.63 9.04
C ILE A 112 -16.51 -3.41 8.38
N ILE A 113 -17.45 -3.64 7.47
CA ILE A 113 -18.00 -2.55 6.65
C ILE A 113 -19.46 -2.16 6.93
N CYS A 114 -19.66 -0.87 7.18
CA CYS A 114 -21.00 -0.31 7.33
C CYS A 114 -21.34 0.49 6.07
N LYS A 115 -22.55 0.31 5.55
CA LYS A 115 -22.97 1.02 4.34
C LYS A 115 -22.53 2.48 4.40
N ASN A 116 -22.87 3.16 5.49
CA ASN A 116 -22.58 4.58 5.64
C ASN A 116 -21.14 4.86 6.11
N ILE A 117 -20.25 3.89 5.89
CA ILE A 117 -18.84 4.09 6.24
C ILE A 117 -17.98 4.20 4.99
N PRO A 118 -17.49 5.41 4.72
CA PRO A 118 -16.65 5.73 3.56
C PRO A 118 -15.48 4.77 3.45
N ARG A 119 -15.64 3.75 2.60
CA ARG A 119 -14.57 2.80 2.37
C ARG A 119 -13.42 3.53 1.67
N LEU A 120 -12.26 2.88 1.63
CA LEU A 120 -11.11 3.42 0.91
C LEU A 120 -11.29 3.13 -0.59
N VAL A 121 -12.42 2.51 -0.91
CA VAL A 121 -12.90 2.30 -2.28
C VAL A 121 -14.38 1.99 -2.14
N SER A 122 -15.23 2.84 -2.71
CA SER A 122 -16.68 2.73 -2.49
C SER A 122 -17.29 1.47 -3.11
N GLY A 123 -16.46 0.61 -3.70
CA GLY A 123 -16.96 -0.58 -4.36
C GLY A 123 -17.14 -1.79 -3.46
N TRP A 124 -16.45 -1.79 -2.30
CA TRP A 124 -16.47 -2.93 -1.40
C TRP A 124 -17.67 -2.93 -0.45
N VAL A 125 -18.73 -3.65 -0.82
CA VAL A 125 -19.86 -3.87 0.09
C VAL A 125 -19.56 -5.08 0.96
N LYS A 126 -18.79 -6.01 0.41
CA LYS A 126 -18.30 -7.15 1.16
C LYS A 126 -16.86 -6.87 1.59
N PRO A 127 -16.47 -7.38 2.77
CA PRO A 127 -15.11 -7.13 3.28
C PRO A 127 -14.09 -8.09 2.67
N ILE A 128 -12.81 -7.72 2.76
CA ILE A 128 -11.72 -8.53 2.24
C ILE A 128 -10.75 -8.89 3.35
N ILE A 129 -10.51 -10.18 3.54
CA ILE A 129 -9.58 -10.64 4.57
C ILE A 129 -8.16 -10.77 4.00
N ILE A 130 -7.22 -10.03 4.58
CA ILE A 130 -5.83 -10.09 4.14
C ILE A 130 -4.98 -10.89 5.13
N GLY A 131 -4.04 -11.68 4.62
CA GLY A 131 -3.17 -12.47 5.46
C GLY A 131 -1.71 -12.38 5.06
N HIS A 132 -0.98 -11.45 5.68
CA HIS A 132 0.44 -11.31 5.41
C HIS A 132 1.21 -12.53 5.91
N HIS A 133 2.27 -12.89 5.20
CA HIS A 133 3.13 -13.98 5.62
C HIS A 133 4.20 -13.47 6.58
N ALA A 134 4.33 -14.13 7.73
CA ALA A 134 5.34 -13.77 8.72
C ALA A 134 5.46 -14.84 9.80
N ARG A 140 14.59 -12.40 10.40
CA ARG A 140 14.60 -13.02 9.08
C ARG A 140 15.57 -12.35 8.12
N ALA A 141 15.63 -11.03 8.15
CA ALA A 141 16.49 -10.29 7.23
C ALA A 141 17.87 -10.03 7.83
N THR A 142 18.90 -10.48 7.13
CA THR A 142 20.28 -10.23 7.55
C THR A 142 20.90 -9.18 6.64
N ASP A 143 20.72 -7.92 6.99
CA ASP A 143 21.25 -6.82 6.19
C ASP A 143 22.52 -6.26 6.81
N PHE A 144 23.42 -5.83 5.94
CA PHE A 144 24.66 -5.20 6.38
C PHE A 144 25.10 -4.13 5.39
N VAL A 145 26.16 -3.40 5.73
CA VAL A 145 26.63 -2.32 4.89
C VAL A 145 27.92 -2.69 4.17
N VAL A 146 27.99 -2.37 2.88
CA VAL A 146 29.22 -2.57 2.12
C VAL A 146 29.99 -1.26 2.04
N PRO A 147 31.11 -1.18 2.77
CA PRO A 147 31.92 0.04 2.87
C PRO A 147 32.54 0.47 1.55
N GLY A 148 33.37 -0.37 0.97
CA GLY A 148 34.03 -0.05 -0.28
C GLY A 148 34.09 -1.21 -1.24
N PRO A 149 34.92 -1.09 -2.29
CA PRO A 149 35.07 -2.15 -3.30
C PRO A 149 35.24 -3.52 -2.64
N GLY A 150 34.63 -4.54 -3.23
CA GLY A 150 34.73 -5.89 -2.69
C GLY A 150 33.73 -6.83 -3.33
N LYS A 151 33.70 -8.07 -2.87
CA LYS A 151 32.81 -9.07 -3.45
C LYS A 151 31.82 -9.64 -2.42
N VAL A 152 30.54 -9.40 -2.66
CA VAL A 152 29.49 -9.97 -1.82
C VAL A 152 28.87 -11.18 -2.51
N GLU A 153 29.07 -12.35 -1.93
CA GLU A 153 28.50 -13.57 -2.48
C GLU A 153 27.65 -14.29 -1.44
N ILE A 154 26.65 -15.03 -1.91
CA ILE A 154 25.75 -15.77 -1.04
C ILE A 154 25.88 -17.25 -1.27
N THR A 155 26.50 -17.93 -0.31
CA THR A 155 26.80 -19.35 -0.46
C THR A 155 25.84 -20.23 0.33
N TYR A 156 25.71 -21.48 -0.12
CA TYR A 156 24.86 -22.47 0.53
C TYR A 156 25.63 -23.78 0.65
N THR A 157 25.83 -24.23 1.88
CA THR A 157 26.56 -25.48 2.12
C THR A 157 25.63 -26.56 2.63
N PRO A 158 25.38 -27.58 1.81
CA PRO A 158 24.52 -28.71 2.18
C PRO A 158 25.12 -29.54 3.32
N SER A 159 24.27 -30.05 4.20
CA SER A 159 24.72 -30.76 5.39
C SER A 159 25.10 -32.22 5.10
N ASP A 160 24.72 -32.70 3.93
CA ASP A 160 25.09 -34.06 3.53
C ASP A 160 26.42 -34.07 2.80
N GLY A 161 27.29 -33.13 3.13
CA GLY A 161 28.63 -33.08 2.57
C GLY A 161 28.69 -32.89 1.07
N THR A 162 27.53 -32.70 0.45
CA THR A 162 27.42 -32.48 -0.98
C THR A 162 28.17 -31.21 -1.39
N GLN A 163 28.48 -31.10 -2.67
CA GLN A 163 29.14 -29.92 -3.22
C GLN A 163 28.50 -28.63 -2.72
N LYS A 164 29.33 -27.74 -2.17
CA LYS A 164 28.87 -26.43 -1.72
C LYS A 164 28.63 -25.52 -2.92
N VAL A 165 27.67 -24.61 -2.77
CA VAL A 165 27.26 -23.74 -3.88
C VAL A 165 27.38 -22.26 -3.53
N THR A 166 27.99 -21.48 -4.43
CA THR A 166 28.19 -20.07 -4.20
C THR A 166 27.65 -19.19 -5.32
N TYR A 167 26.77 -18.26 -4.97
CA TYR A 167 26.21 -17.31 -5.91
C TYR A 167 26.80 -15.94 -5.67
N LEU A 168 27.13 -15.21 -6.74
CA LEU A 168 27.61 -13.85 -6.61
C LEU A 168 26.42 -12.91 -6.60
N VAL A 169 26.18 -12.23 -5.48
CA VAL A 169 25.07 -11.29 -5.41
C VAL A 169 25.44 -9.95 -6.03
N HIS A 170 26.67 -9.51 -5.81
CA HIS A 170 27.20 -8.35 -6.51
C HIS A 170 28.70 -8.20 -6.29
N ASN A 171 29.39 -7.72 -7.32
CA ASN A 171 30.80 -7.44 -7.23
C ASN A 171 31.06 -5.94 -7.30
N PHE A 172 31.07 -5.28 -6.14
CA PHE A 172 31.29 -3.83 -6.07
C PHE A 172 32.69 -3.46 -6.59
N GLU A 173 32.75 -2.95 -7.82
CA GLU A 173 34.04 -2.63 -8.42
C GLU A 173 34.52 -1.22 -8.10
N GLU A 174 33.60 -0.31 -7.80
CA GLU A 174 33.98 1.05 -7.46
C GLU A 174 33.51 1.48 -6.06
N GLY A 175 32.32 2.05 -5.98
CA GLY A 175 31.80 2.49 -4.70
C GLY A 175 31.34 1.38 -3.79
N GLY A 176 30.87 1.74 -2.59
CA GLY A 176 30.28 0.79 -1.68
C GLY A 176 28.78 0.69 -1.88
N GLY A 177 28.06 0.34 -0.82
CA GLY A 177 26.62 0.18 -0.89
C GLY A 177 26.06 -0.58 0.30
N VAL A 178 25.10 -1.47 0.04
CA VAL A 178 24.49 -2.32 1.06
C VAL A 178 24.16 -3.70 0.47
N ALA A 179 23.78 -4.64 1.33
CA ALA A 179 23.46 -6.00 0.90
C ALA A 179 22.45 -6.67 1.83
N MET A 180 21.89 -7.80 1.39
CA MET A 180 20.87 -8.51 2.18
C MET A 180 20.83 -10.01 1.95
N GLY A 181 20.38 -10.74 2.97
CA GLY A 181 20.10 -12.16 2.84
C GLY A 181 18.70 -12.43 3.35
N MET A 182 17.94 -13.19 2.58
CA MET A 182 16.58 -13.55 2.99
C MET A 182 16.34 -15.03 2.79
N TYR A 183 15.46 -15.60 3.59
CA TYR A 183 15.21 -17.03 3.52
C TYR A 183 13.76 -17.37 3.83
N ASN A 184 13.44 -18.66 3.77
CA ASN A 184 12.10 -19.16 4.04
C ASN A 184 12.02 -20.66 3.92
N GLN A 185 11.76 -21.33 5.04
CA GLN A 185 11.65 -22.79 5.04
C GLN A 185 10.34 -23.24 4.39
N ASP A 186 10.35 -24.43 3.79
CA ASP A 186 9.13 -25.00 3.20
C ASP A 186 8.01 -25.06 4.24
N LYS A 187 8.35 -25.57 5.42
CA LYS A 187 7.38 -25.68 6.51
C LYS A 187 6.59 -24.40 6.73
N SER A 188 7.25 -23.26 6.67
CA SER A 188 6.57 -21.98 6.89
C SER A 188 5.60 -21.67 5.76
N ILE A 189 5.97 -22.04 4.54
CA ILE A 189 5.11 -21.81 3.38
C ILE A 189 3.90 -22.74 3.40
N GLU A 190 4.11 -24.00 3.78
CA GLU A 190 3.00 -24.94 3.94
C GLU A 190 2.02 -24.40 4.98
N ASP A 191 2.53 -24.05 6.15
CA ASP A 191 1.70 -23.52 7.22
C ASP A 191 0.94 -22.27 6.77
N PHE A 192 1.58 -21.46 5.92
CA PHE A 192 0.96 -20.26 5.39
C PHE A 192 -0.17 -20.62 4.41
N ALA A 193 0.00 -21.74 3.71
CA ALA A 193 -1.00 -22.18 2.75
C ALA A 193 -2.22 -22.75 3.44
N HIS A 194 -2.01 -23.75 4.29
CA HIS A 194 -3.11 -24.36 5.04
C HIS A 194 -3.88 -23.30 5.83
N SER A 195 -3.15 -22.46 6.56
CA SER A 195 -3.79 -21.37 7.29
C SER A 195 -4.72 -20.62 6.34
N SER A 196 -4.22 -20.31 5.16
CA SER A 196 -4.96 -19.52 4.18
C SER A 196 -6.14 -20.28 3.55
N PHE A 197 -5.95 -21.57 3.32
CA PHE A 197 -7.03 -22.38 2.76
C PHE A 197 -8.16 -22.55 3.77
N GLN A 198 -7.81 -23.00 4.97
CA GLN A 198 -8.82 -23.22 6.00
C GLN A 198 -9.60 -21.94 6.30
N MET A 199 -8.90 -20.81 6.28
CA MET A 199 -9.54 -19.53 6.55
C MET A 199 -10.60 -19.23 5.49
N ALA A 200 -10.32 -19.61 4.25
CA ALA A 200 -11.26 -19.38 3.16
C ALA A 200 -12.52 -20.23 3.35
N LEU A 201 -12.33 -21.44 3.89
CA LEU A 201 -13.45 -22.35 4.13
C LEU A 201 -14.35 -21.80 5.24
N SER A 202 -13.74 -21.47 6.37
CA SER A 202 -14.49 -20.94 7.51
C SER A 202 -15.36 -19.75 7.09
N LYS A 203 -14.76 -18.84 6.34
CA LYS A 203 -15.48 -17.65 5.89
C LYS A 203 -16.23 -17.91 4.58
N GLY A 204 -16.15 -19.14 4.08
CA GLY A 204 -16.86 -19.52 2.87
C GLY A 204 -16.60 -18.62 1.68
N TRP A 205 -15.36 -18.18 1.53
CA TRP A 205 -14.98 -17.26 0.45
C TRP A 205 -13.80 -17.79 -0.37
N PRO A 206 -13.64 -17.27 -1.59
CA PRO A 206 -12.51 -17.63 -2.46
C PRO A 206 -11.15 -17.19 -1.90
N LEU A 207 -10.09 -17.88 -2.30
CA LEU A 207 -8.73 -17.59 -1.82
C LEU A 207 -7.80 -17.16 -2.96
N TYR A 208 -7.22 -15.97 -2.84
CA TYR A 208 -6.29 -15.47 -3.86
C TYR A 208 -4.88 -15.30 -3.30
N LEU A 209 -3.90 -15.90 -3.96
CA LEU A 209 -2.50 -15.71 -3.60
C LEU A 209 -1.80 -14.79 -4.59
N SER A 210 -1.43 -13.60 -4.14
CA SER A 210 -0.68 -12.66 -4.97
C SER A 210 0.82 -12.85 -4.74
N THR A 211 1.58 -12.91 -5.84
CA THR A 211 3.01 -13.11 -5.76
C THR A 211 3.72 -12.31 -6.84
N LYS A 212 5.04 -12.40 -6.90
CA LYS A 212 5.82 -11.74 -7.93
C LYS A 212 6.89 -12.71 -8.47
N ASN A 213 6.45 -13.89 -8.89
CA ASN A 213 7.36 -14.93 -9.36
C ASN A 213 7.84 -14.72 -10.79
N THR A 214 7.53 -13.57 -11.37
CA THR A 214 8.05 -13.24 -12.69
C THR A 214 9.51 -12.82 -12.53
N ILE A 215 9.76 -12.00 -11.52
CA ILE A 215 11.11 -11.55 -11.18
C ILE A 215 11.80 -12.60 -10.33
N LEU A 216 11.34 -12.72 -9.09
CA LEU A 216 11.84 -13.73 -8.17
C LEU A 216 11.35 -15.10 -8.58
N LYS A 217 11.72 -15.52 -9.79
CA LYS A 217 11.23 -16.77 -10.38
C LYS A 217 11.38 -17.97 -9.44
N LYS A 218 12.54 -18.10 -8.82
CA LYS A 218 12.81 -19.25 -7.96
C LYS A 218 12.23 -19.07 -6.55
N TYR A 219 12.24 -17.84 -6.06
CA TYR A 219 11.76 -17.56 -4.72
C TYR A 219 10.24 -17.65 -4.66
N ASP A 220 9.57 -16.63 -5.20
CA ASP A 220 8.11 -16.60 -5.20
C ASP A 220 7.51 -17.75 -6.00
N GLY A 221 8.31 -18.32 -6.91
CA GLY A 221 7.87 -19.48 -7.65
C GLY A 221 7.55 -20.62 -6.71
N ARG A 222 8.46 -20.83 -5.75
CA ARG A 222 8.28 -21.87 -4.74
C ARG A 222 6.94 -21.72 -4.04
N PHE A 223 6.57 -20.48 -3.73
CA PHE A 223 5.30 -20.19 -3.10
C PHE A 223 4.14 -20.69 -3.96
N LYS A 224 4.09 -20.22 -5.19
CA LYS A 224 3.01 -20.58 -6.11
C LYS A 224 2.86 -22.10 -6.21
N ASP A 225 4.00 -22.80 -6.22
CA ASP A 225 4.00 -24.25 -6.29
C ASP A 225 3.42 -24.85 -5.01
N ILE A 226 4.08 -24.57 -3.90
CA ILE A 226 3.63 -25.06 -2.61
C ILE A 226 2.12 -24.93 -2.43
N PHE A 227 1.56 -23.82 -2.89
CA PHE A 227 0.13 -23.57 -2.75
C PHE A 227 -0.72 -24.51 -3.61
N GLN A 228 -0.42 -24.56 -4.90
CA GLN A 228 -1.10 -25.46 -5.82
C GLN A 228 -0.99 -26.91 -5.36
N GLU A 229 0.25 -27.35 -5.12
CA GLU A 229 0.48 -28.71 -4.66
C GLU A 229 -0.46 -29.06 -3.51
N ILE A 230 -0.64 -28.12 -2.59
CA ILE A 230 -1.51 -28.34 -1.44
C ILE A 230 -2.99 -28.24 -1.82
N TYR A 231 -3.31 -27.27 -2.66
CA TYR A 231 -4.69 -27.01 -3.04
C TYR A 231 -5.30 -28.18 -3.83
N ASP A 232 -4.44 -28.97 -4.48
CA ASP A 232 -4.93 -30.09 -5.29
C ASP A 232 -4.95 -31.38 -4.49
N LYS A 233 -3.82 -31.72 -3.87
CA LYS A 233 -3.72 -32.87 -2.98
C LYS A 233 -4.79 -32.79 -1.90
N GLN A 234 -5.12 -31.56 -1.50
CA GLN A 234 -6.12 -31.32 -0.47
C GLN A 234 -6.86 -30.01 -0.70
N TYR A 235 -8.10 -29.94 -0.22
CA TYR A 235 -8.88 -28.69 -0.19
C TYR A 235 -9.60 -28.30 -1.49
N LYS A 236 -9.35 -28.99 -2.60
CA LYS A 236 -9.96 -28.60 -3.87
C LYS A 236 -11.41 -29.07 -3.83
N SER A 237 -11.61 -30.30 -3.38
CA SER A 237 -12.93 -30.87 -3.21
C SER A 237 -13.84 -29.97 -2.36
N GLN A 238 -13.43 -29.76 -1.11
CA GLN A 238 -14.22 -28.96 -0.17
C GLN A 238 -14.48 -27.55 -0.71
N PHE A 239 -13.53 -27.04 -1.48
CA PHE A 239 -13.65 -25.70 -2.06
C PHE A 239 -14.83 -25.61 -3.02
N GLU A 240 -15.03 -26.66 -3.81
CA GLU A 240 -16.17 -26.75 -4.72
C GLU A 240 -17.46 -26.96 -3.93
N ALA A 241 -17.38 -27.75 -2.86
CA ALA A 241 -18.52 -28.02 -2.00
C ALA A 241 -19.16 -26.74 -1.48
N GLN A 242 -18.50 -25.61 -1.70
CA GLN A 242 -19.03 -24.33 -1.27
C GLN A 242 -18.98 -23.30 -2.40
N LYS A 243 -18.71 -23.76 -3.62
CA LYS A 243 -18.63 -22.89 -4.79
C LYS A 243 -17.36 -22.05 -4.78
N ILE A 244 -16.47 -22.34 -3.83
CA ILE A 244 -15.22 -21.59 -3.68
C ILE A 244 -14.11 -22.17 -4.57
N TRP A 245 -13.09 -21.36 -4.83
CA TRP A 245 -11.91 -21.77 -5.59
C TRP A 245 -10.68 -20.99 -5.11
N TYR A 246 -9.50 -21.56 -5.34
CA TYR A 246 -8.24 -20.85 -5.10
C TYR A 246 -7.54 -20.54 -6.43
N GLU A 247 -7.03 -19.33 -6.55
CA GLU A 247 -6.38 -18.90 -7.78
C GLU A 247 -5.25 -17.90 -7.53
N HIS A 248 -4.10 -18.18 -8.14
CA HIS A 248 -2.95 -17.29 -8.04
C HIS A 248 -3.08 -16.11 -9.01
N ARG A 249 -2.80 -14.92 -8.51
CA ARG A 249 -2.81 -13.72 -9.33
C ARG A 249 -1.51 -12.96 -9.12
N LEU A 250 -0.92 -12.45 -10.18
CA LEU A 250 0.26 -11.61 -10.04
C LEU A 250 -0.13 -10.37 -9.23
N ILE A 251 0.83 -9.81 -8.49
CA ILE A 251 0.56 -8.73 -7.55
C ILE A 251 -0.17 -7.53 -8.20
N ASP A 252 0.01 -7.37 -9.50
CA ASP A 252 -0.58 -6.23 -10.21
C ASP A 252 -1.99 -6.51 -10.70
N ASP A 253 -2.21 -7.72 -11.20
CA ASP A 253 -3.54 -8.15 -11.61
C ASP A 253 -4.49 -8.07 -10.41
N MET A 254 -4.00 -8.53 -9.25
CA MET A 254 -4.78 -8.49 -8.02
C MET A 254 -5.21 -7.08 -7.66
N VAL A 255 -4.24 -6.22 -7.39
CA VAL A 255 -4.52 -4.85 -6.93
C VAL A 255 -5.49 -4.12 -7.84
N ALA A 256 -5.39 -4.37 -9.14
CA ALA A 256 -6.29 -3.76 -10.11
C ALA A 256 -7.67 -4.43 -10.04
N GLN A 257 -7.67 -5.75 -9.99
CA GLN A 257 -8.90 -6.53 -9.89
C GLN A 257 -9.65 -6.23 -8.59
N ALA A 258 -8.90 -6.02 -7.52
CA ALA A 258 -9.48 -5.82 -6.18
C ALA A 258 -10.23 -4.50 -6.07
N MET A 259 -9.65 -3.42 -6.59
CA MET A 259 -10.35 -2.14 -6.62
C MET A 259 -11.66 -2.28 -7.38
N LYS A 260 -11.58 -2.91 -8.55
CA LYS A 260 -12.77 -3.21 -9.34
C LYS A 260 -13.41 -4.50 -8.82
N SER A 261 -13.54 -4.60 -7.50
CA SER A 261 -14.14 -5.76 -6.87
C SER A 261 -15.03 -5.36 -5.69
N GLU A 262 -16.00 -6.21 -5.38
CA GLU A 262 -16.95 -5.94 -4.32
C GLU A 262 -16.58 -6.70 -3.05
N GLY A 263 -15.29 -7.00 -2.91
CA GLY A 263 -14.81 -7.75 -1.76
C GLY A 263 -15.43 -9.13 -1.67
N GLY A 264 -15.18 -9.84 -0.58
CA GLY A 264 -15.73 -11.16 -0.38
C GLY A 264 -14.76 -12.27 -0.76
N PHE A 265 -13.50 -12.10 -0.37
CA PHE A 265 -12.48 -13.10 -0.64
C PHE A 265 -11.32 -12.98 0.34
N ILE A 266 -10.48 -14.02 0.38
CA ILE A 266 -9.33 -14.04 1.27
C ILE A 266 -8.05 -13.81 0.48
N TRP A 267 -7.38 -12.69 0.74
CA TRP A 267 -6.16 -12.36 0.02
C TRP A 267 -4.90 -12.71 0.84
N ALA A 268 -4.17 -13.72 0.38
CA ALA A 268 -2.93 -14.13 1.03
C ALA A 268 -1.71 -13.70 0.21
N CYS A 269 -1.16 -12.53 0.54
CA CYS A 269 -0.02 -11.99 -0.18
C CYS A 269 1.29 -12.22 0.58
N LYS A 270 2.39 -12.35 -0.17
CA LYS A 270 3.71 -12.50 0.42
C LYS A 270 4.37 -11.14 0.65
N ASN A 271 4.52 -10.77 1.92
CA ASN A 271 5.19 -9.53 2.31
C ASN A 271 5.17 -9.29 3.82
N GLY A 286 -9.32 3.78 6.38
CA GLY A 286 -10.23 2.90 7.12
C GLY A 286 -9.90 2.86 8.61
N SER A 287 -10.91 3.17 9.43
CA SER A 287 -10.70 3.30 10.88
C SER A 287 -10.16 2.02 11.52
N LEU A 288 -9.46 2.20 12.65
CA LEU A 288 -8.85 1.09 13.37
C LEU A 288 -9.85 0.43 14.30
N GLY A 289 -10.74 1.24 14.87
CA GLY A 289 -11.75 0.73 15.78
C GLY A 289 -12.60 -0.34 15.14
N MET A 290 -12.35 -0.58 13.85
CA MET A 290 -13.13 -1.55 13.09
C MET A 290 -12.26 -2.73 12.66
N MET A 291 -10.95 -2.56 12.77
CA MET A 291 -10.01 -3.57 12.30
C MET A 291 -9.83 -4.70 13.32
N THR A 292 -9.84 -5.94 12.85
CA THR A 292 -9.67 -7.09 13.75
C THR A 292 -8.64 -8.09 13.21
N SER A 293 -7.64 -8.37 14.02
CA SER A 293 -6.61 -9.33 13.65
C SER A 293 -6.88 -10.70 14.27
N VAL A 294 -6.73 -11.75 13.47
CA VAL A 294 -7.02 -13.10 13.93
C VAL A 294 -5.94 -14.08 13.49
N LEU A 295 -5.28 -14.71 14.46
CA LEU A 295 -4.25 -15.70 14.16
C LEU A 295 -4.88 -17.06 13.91
N VAL A 296 -4.51 -17.69 12.80
CA VAL A 296 -5.08 -18.98 12.43
C VAL A 296 -4.00 -20.04 12.27
N CYS A 297 -3.90 -20.92 13.25
CA CYS A 297 -2.93 -22.01 13.21
C CYS A 297 -3.29 -23.00 12.11
N PRO A 298 -2.27 -23.63 11.52
CA PRO A 298 -2.39 -24.50 10.34
C PRO A 298 -3.36 -25.66 10.56
N ASP A 299 -3.42 -26.20 11.77
CA ASP A 299 -4.29 -27.34 12.07
C ASP A 299 -5.77 -27.07 11.83
N GLY A 300 -6.12 -25.79 11.69
CA GLY A 300 -7.51 -25.41 11.52
C GLY A 300 -8.30 -25.55 12.81
N LYS A 301 -7.62 -25.99 13.86
CA LYS A 301 -8.24 -26.20 15.17
C LYS A 301 -8.10 -24.96 16.04
N THR A 302 -6.87 -24.45 16.14
CA THR A 302 -6.54 -23.38 17.07
C THR A 302 -6.65 -21.99 16.45
N VAL A 303 -7.10 -21.03 17.23
CA VAL A 303 -7.25 -19.65 16.76
C VAL A 303 -7.10 -18.65 17.89
N GLU A 304 -6.43 -17.54 17.61
CA GLU A 304 -6.42 -16.42 18.56
C GLU A 304 -7.00 -15.20 17.88
N ALA A 305 -7.83 -14.46 18.61
CA ALA A 305 -8.45 -13.26 18.06
C ALA A 305 -8.11 -12.03 18.90
N GLU A 306 -7.95 -10.89 18.23
CA GLU A 306 -7.55 -9.66 18.90
C GLU A 306 -7.81 -8.44 18.02
N ALA A 307 -8.10 -7.32 18.66
CA ALA A 307 -8.22 -6.07 17.92
C ALA A 307 -6.89 -5.73 17.26
N ALA A 308 -6.95 -5.11 16.09
CA ALA A 308 -5.77 -4.70 15.37
C ALA A 308 -5.07 -3.53 16.06
N HIS A 309 -5.85 -2.57 16.55
CA HIS A 309 -5.27 -1.41 17.23
C HIS A 309 -4.55 -1.79 18.53
N GLY A 310 -3.92 -0.80 19.15
CA GLY A 310 -3.20 -1.01 20.39
C GLY A 310 -4.04 -0.72 21.62
N THR A 311 -3.40 -0.16 22.64
CA THR A 311 -4.08 0.14 23.89
C THR A 311 -4.71 1.53 23.89
N VAL A 312 -4.52 2.25 22.78
CA VAL A 312 -5.04 3.61 22.65
C VAL A 312 -4.66 4.46 23.87
N THR A 313 -3.37 4.73 24.01
CA THR A 313 -2.85 5.36 25.23
C THR A 313 -3.36 6.79 25.42
N ARG A 314 -3.51 7.53 24.33
CA ARG A 314 -3.97 8.92 24.41
C ARG A 314 -5.31 9.02 25.12
N HIS A 315 -6.26 8.17 24.70
CA HIS A 315 -7.57 8.12 25.33
C HIS A 315 -7.45 7.76 26.81
N TYR A 316 -6.56 6.83 27.12
CA TYR A 316 -6.37 6.40 28.50
C TYR A 316 -5.95 7.56 29.38
N ARG A 317 -5.06 8.41 28.88
CA ARG A 317 -4.58 9.56 29.64
C ARG A 317 -5.74 10.46 30.08
N MET A 318 -6.61 10.78 29.13
CA MET A 318 -7.78 11.61 29.41
C MET A 318 -8.72 10.94 30.41
N TYR A 319 -8.86 9.63 30.27
CA TYR A 319 -9.70 8.85 31.16
C TYR A 319 -9.22 8.96 32.61
N GLN A 320 -7.90 8.89 32.79
CA GLN A 320 -7.30 8.97 34.11
C GLN A 320 -7.58 10.31 34.76
N LYS A 321 -7.57 11.36 33.94
CA LYS A 321 -7.80 12.71 34.41
C LYS A 321 -9.29 13.04 34.54
N GLY A 322 -10.13 12.00 34.41
CA GLY A 322 -11.56 12.16 34.56
C GLY A 322 -12.24 12.76 33.34
N GLN A 323 -11.44 13.08 32.32
CA GLN A 323 -11.97 13.68 31.09
C GLN A 323 -12.86 12.70 30.32
N GLU A 324 -13.70 13.23 29.44
CA GLU A 324 -14.57 12.39 28.63
C GLU A 324 -13.78 11.79 27.46
N THR A 325 -13.88 10.47 27.31
CA THR A 325 -13.20 9.75 26.23
C THR A 325 -14.21 9.20 25.23
N SER A 326 -13.78 8.94 24.00
CA SER A 326 -14.66 8.41 22.99
C SER A 326 -14.00 7.28 22.20
N THR A 327 -13.84 6.14 22.86
CA THR A 327 -13.16 5.00 22.27
C THR A 327 -14.12 4.04 21.56
N ASN A 328 -13.68 3.52 20.43
CA ASN A 328 -14.45 2.58 19.61
C ASN A 328 -14.16 1.14 20.02
N PRO A 329 -15.19 0.38 20.41
CA PRO A 329 -15.03 -0.95 20.98
C PRO A 329 -15.31 -2.07 19.99
N ILE A 330 -15.60 -1.73 18.74
CA ILE A 330 -15.99 -2.73 17.76
C ILE A 330 -14.86 -3.73 17.51
N ALA A 331 -13.65 -3.23 17.32
CA ALA A 331 -12.50 -4.09 17.07
C ALA A 331 -12.35 -5.12 18.18
N SER A 332 -12.56 -4.67 19.41
CA SER A 332 -12.42 -5.53 20.58
C SER A 332 -13.58 -6.51 20.68
N ILE A 333 -14.78 -6.02 20.39
CA ILE A 333 -15.99 -6.85 20.45
C ILE A 333 -15.89 -8.03 19.50
N PHE A 334 -15.46 -7.75 18.28
CA PHE A 334 -15.33 -8.79 17.27
C PHE A 334 -14.22 -9.79 17.59
N ALA A 335 -13.33 -9.42 18.49
CA ALA A 335 -12.32 -10.37 18.94
C ALA A 335 -13.01 -11.47 19.72
N TRP A 336 -14.03 -11.09 20.48
CA TRP A 336 -14.85 -12.04 21.23
C TRP A 336 -15.73 -12.86 20.30
N THR A 337 -16.47 -12.17 19.43
CA THR A 337 -17.41 -12.85 18.54
C THR A 337 -16.72 -13.80 17.57
N ARG A 338 -15.57 -13.41 17.04
CA ARG A 338 -14.81 -14.27 16.13
C ARG A 338 -14.25 -15.47 16.88
N GLY A 339 -13.84 -15.24 18.12
CA GLY A 339 -13.36 -16.31 18.97
C GLY A 339 -14.49 -17.26 19.34
N LEU A 340 -15.56 -16.70 19.90
CA LEU A 340 -16.74 -17.49 20.25
C LEU A 340 -17.30 -18.23 19.04
N ALA A 341 -17.40 -17.54 17.91
CA ALA A 341 -17.87 -18.16 16.68
C ALA A 341 -17.10 -19.45 16.40
N HIS A 342 -15.77 -19.38 16.52
CA HIS A 342 -14.92 -20.53 16.28
C HIS A 342 -15.13 -21.62 17.32
N ARG A 343 -15.37 -21.21 18.56
CA ARG A 343 -15.66 -22.16 19.63
C ARG A 343 -16.90 -22.97 19.27
N ALA A 344 -17.98 -22.27 18.91
CA ALA A 344 -19.19 -22.93 18.51
C ALA A 344 -18.89 -23.88 17.36
N LYS A 345 -18.26 -23.35 16.32
CA LYS A 345 -17.87 -24.15 15.17
C LYS A 345 -17.29 -25.49 15.59
N LEU A 346 -16.27 -25.46 16.43
CA LEU A 346 -15.63 -26.68 16.89
C LEU A 346 -16.62 -27.61 17.59
N ASP A 347 -17.49 -27.02 18.41
CA ASP A 347 -18.31 -27.81 19.32
C ASP A 347 -19.75 -28.03 18.86
N ASN A 348 -20.07 -27.63 17.63
CA ASN A 348 -21.43 -27.76 17.13
C ASN A 348 -22.43 -27.04 18.01
N ASN A 349 -21.98 -25.95 18.63
CA ASN A 349 -22.85 -25.17 19.53
C ASN A 349 -23.68 -24.14 18.78
N LYS A 350 -24.78 -24.58 18.19
CA LYS A 350 -25.63 -23.72 17.38
C LYS A 350 -26.08 -22.50 18.17
N GLU A 351 -26.39 -22.70 19.45
CA GLU A 351 -26.82 -21.62 20.31
C GLU A 351 -25.78 -20.51 20.34
N LEU A 352 -24.52 -20.91 20.57
CA LEU A 352 -23.41 -19.96 20.64
C LEU A 352 -23.12 -19.36 19.26
N ALA A 353 -23.10 -20.22 18.25
CA ALA A 353 -22.90 -19.79 16.88
C ALA A 353 -23.79 -18.60 16.53
N PHE A 354 -25.06 -18.69 16.93
CA PHE A 354 -26.02 -17.65 16.63
C PHE A 354 -25.74 -16.39 17.44
N PHE A 355 -25.46 -16.56 18.74
CA PHE A 355 -25.15 -15.41 19.59
C PHE A 355 -24.04 -14.56 18.99
N ALA A 356 -22.94 -15.21 18.63
CA ALA A 356 -21.82 -14.52 18.00
C ALA A 356 -22.33 -13.60 16.91
N ASN A 357 -23.05 -14.16 15.95
CA ASN A 357 -23.63 -13.38 14.88
C ASN A 357 -24.47 -12.22 15.40
N ALA A 358 -25.49 -12.56 16.19
CA ALA A 358 -26.38 -11.55 16.74
C ALA A 358 -25.59 -10.35 17.26
N LEU A 359 -24.48 -10.62 17.91
CA LEU A 359 -23.65 -9.55 18.47
C LEU A 359 -22.96 -8.75 17.37
N GLU A 360 -22.31 -9.44 16.44
CA GLU A 360 -21.66 -8.76 15.32
C GLU A 360 -22.66 -7.84 14.60
N GLU A 361 -23.86 -8.36 14.37
CA GLU A 361 -24.89 -7.60 13.69
C GLU A 361 -25.28 -6.38 14.50
N VAL A 362 -25.72 -6.59 15.73
CA VAL A 362 -26.08 -5.50 16.63
C VAL A 362 -25.02 -4.41 16.58
N SER A 363 -23.77 -4.81 16.45
CA SER A 363 -22.65 -3.86 16.43
C SER A 363 -22.67 -3.01 15.16
N ILE A 364 -22.64 -3.69 14.02
CA ILE A 364 -22.69 -3.02 12.72
C ILE A 364 -23.98 -2.21 12.57
N GLU A 365 -25.07 -2.73 13.12
CA GLU A 365 -26.38 -2.11 12.95
C GLU A 365 -26.51 -0.85 13.81
N THR A 366 -26.08 -0.94 15.06
CA THR A 366 -26.09 0.21 15.95
C THR A 366 -25.41 1.41 15.29
N ILE A 367 -24.38 1.12 14.51
CA ILE A 367 -23.61 2.16 13.83
C ILE A 367 -24.30 2.65 12.56
N GLU A 368 -24.80 1.71 11.76
CA GLU A 368 -25.52 2.07 10.55
C GLU A 368 -26.85 2.73 10.87
N ALA A 369 -27.06 3.01 12.15
CA ALA A 369 -28.30 3.64 12.60
C ALA A 369 -28.04 5.05 13.12
N GLY A 370 -26.77 5.43 13.18
CA GLY A 370 -26.41 6.79 13.57
C GLY A 370 -25.70 6.90 14.91
N PHE A 371 -25.63 5.80 15.65
CA PHE A 371 -24.92 5.80 16.92
C PHE A 371 -23.49 5.33 16.75
N MET A 372 -22.53 6.15 17.16
CA MET A 372 -21.12 5.83 16.98
C MET A 372 -20.23 6.66 17.88
N THR A 373 -18.92 6.45 17.76
CA THR A 373 -17.96 7.22 18.55
C THR A 373 -17.27 8.29 17.70
N LYS A 374 -16.56 9.19 18.37
CA LYS A 374 -15.96 10.35 17.73
C LYS A 374 -15.19 10.00 16.47
N ASP A 375 -14.40 8.94 16.53
CA ASP A 375 -13.55 8.53 15.42
C ASP A 375 -14.37 8.16 14.18
N LEU A 376 -15.50 7.49 14.39
CA LEU A 376 -16.35 7.09 13.28
C LEU A 376 -17.12 8.27 12.72
N ALA A 377 -17.62 9.12 13.63
CA ALA A 377 -18.27 10.36 13.24
C ALA A 377 -17.31 11.20 12.40
N ALA A 378 -16.03 11.17 12.76
CA ALA A 378 -15.01 11.92 12.05
C ALA A 378 -14.89 11.48 10.60
N CYS A 379 -15.21 10.21 10.34
CA CYS A 379 -15.15 9.71 8.98
C CYS A 379 -16.16 10.45 8.12
N ILE A 380 -17.32 10.70 8.69
CA ILE A 380 -18.44 11.25 7.94
C ILE A 380 -18.33 12.76 7.75
N LYS A 381 -18.11 13.49 8.84
CA LYS A 381 -18.16 14.95 8.79
C LYS A 381 -16.79 15.61 8.88
N GLY A 382 -15.72 14.84 8.69
CA GLY A 382 -14.38 15.38 8.81
C GLY A 382 -14.10 15.84 10.23
N LEU A 383 -12.89 15.58 10.71
CA LEU A 383 -12.55 15.81 12.11
C LEU A 383 -13.02 17.18 12.66
N PRO A 384 -12.78 18.26 11.92
CA PRO A 384 -13.09 19.59 12.47
C PRO A 384 -14.58 19.78 12.71
N ASN A 385 -15.39 19.48 11.70
CA ASN A 385 -16.83 19.72 11.73
C ASN A 385 -17.58 18.90 12.78
N VAL A 386 -16.89 17.96 13.41
CA VAL A 386 -17.50 17.07 14.40
C VAL A 386 -17.92 17.80 15.67
N GLN A 387 -19.21 17.80 15.96
CA GLN A 387 -19.72 18.38 17.20
C GLN A 387 -20.10 17.27 18.17
N ARG A 388 -20.14 17.60 19.45
CA ARG A 388 -20.42 16.61 20.49
C ARG A 388 -21.71 15.85 20.21
N SER A 389 -22.69 16.54 19.63
CA SER A 389 -23.98 15.91 19.35
C SER A 389 -23.90 14.83 18.28
N ASP A 390 -22.74 14.74 17.63
CA ASP A 390 -22.56 13.81 16.51
C ASP A 390 -22.20 12.40 16.94
N TYR A 391 -21.56 12.27 18.09
CA TYR A 391 -21.08 10.98 18.54
C TYR A 391 -21.43 10.68 19.99
N LEU A 392 -21.27 9.42 20.37
CA LEU A 392 -21.44 8.99 21.75
C LEU A 392 -20.06 8.68 22.31
N ASN A 393 -19.80 9.04 23.57
CA ASN A 393 -18.53 8.70 24.19
C ASN A 393 -18.44 7.19 24.45
N THR A 394 -17.53 6.79 25.33
CA THR A 394 -17.22 5.38 25.48
C THR A 394 -18.31 4.58 26.21
N PHE A 395 -18.84 5.15 27.29
CA PHE A 395 -19.80 4.45 28.14
C PHE A 395 -21.17 4.27 27.51
N GLU A 396 -21.88 5.38 27.32
CA GLU A 396 -23.21 5.35 26.71
C GLU A 396 -23.28 4.61 25.37
N PHE A 397 -22.13 4.46 24.71
CA PHE A 397 -22.10 3.70 23.47
C PHE A 397 -22.14 2.21 23.75
N MET A 398 -21.42 1.79 24.78
CA MET A 398 -21.49 0.42 25.26
C MET A 398 -22.91 0.11 25.72
N ASP A 399 -23.54 1.10 26.35
CA ASP A 399 -24.92 0.95 26.79
C ASP A 399 -25.83 0.75 25.59
N LYS A 400 -25.71 1.64 24.61
CA LYS A 400 -26.52 1.56 23.40
C LYS A 400 -26.42 0.18 22.79
N LEU A 401 -25.20 -0.35 22.72
CA LEU A 401 -24.99 -1.69 22.18
C LEU A 401 -25.69 -2.74 23.02
N GLY A 402 -25.61 -2.58 24.34
CA GLY A 402 -26.25 -3.50 25.25
C GLY A 402 -27.76 -3.53 25.03
N GLU A 403 -28.36 -2.35 24.93
CA GLU A 403 -29.78 -2.22 24.68
C GLU A 403 -30.15 -3.02 23.43
N ASN A 404 -29.59 -2.61 22.29
CA ASN A 404 -29.87 -3.25 21.02
C ASN A 404 -29.64 -4.76 21.06
N LEU A 405 -28.63 -5.18 21.81
CA LEU A 405 -28.33 -6.60 21.97
C LEU A 405 -29.47 -7.33 22.68
N LYS A 406 -29.88 -6.81 23.82
CA LYS A 406 -31.00 -7.34 24.56
C LYS A 406 -32.20 -7.47 23.64
N ILE A 407 -32.44 -6.42 22.86
CA ILE A 407 -33.55 -6.38 21.91
C ILE A 407 -33.43 -7.48 20.87
N LYS A 408 -32.42 -7.38 20.02
CA LYS A 408 -32.19 -8.35 18.97
C LYS A 408 -32.37 -9.77 19.49
N LEU A 409 -31.79 -10.05 20.66
CA LEU A 409 -31.84 -11.38 21.25
C LEU A 409 -33.26 -11.82 21.57
N ALA A 410 -34.02 -10.95 22.22
CA ALA A 410 -35.42 -11.22 22.53
C ALA A 410 -36.22 -11.48 21.27
N GLN A 411 -35.92 -10.74 20.21
CA GLN A 411 -36.59 -10.91 18.92
C GLN A 411 -36.35 -12.29 18.32
N ALA A 412 -35.15 -12.82 18.51
CA ALA A 412 -34.79 -14.13 17.99
C ALA A 412 -35.53 -15.24 18.72
N LYS A 413 -35.94 -14.96 19.95
CA LYS A 413 -36.59 -15.97 20.79
C LYS A 413 -37.84 -16.53 20.10
N LEU A 414 -38.40 -15.76 19.17
CA LEU A 414 -39.56 -16.21 18.40
C LEU A 414 -39.19 -17.34 17.44
N LYS B 8 1.13 35.26 -34.64
CA LYS B 8 1.89 35.44 -33.41
C LYS B 8 1.99 34.12 -32.62
N LYS B 9 3.04 33.35 -32.90
CA LYS B 9 3.27 32.08 -32.21
C LYS B 9 4.51 32.15 -31.33
N ILE B 10 4.39 31.65 -30.11
CA ILE B 10 5.56 31.47 -29.26
C ILE B 10 6.47 30.48 -29.97
N SER B 11 7.77 30.56 -29.69
CA SER B 11 8.69 29.54 -30.16
C SER B 11 9.20 28.73 -28.97
N GLY B 12 8.85 27.45 -28.93
CA GLY B 12 9.16 26.61 -27.79
C GLY B 12 10.53 25.98 -27.85
N GLY B 13 10.90 25.50 -29.04
CA GLY B 13 12.20 24.88 -29.23
C GLY B 13 12.12 23.39 -29.46
N SER B 14 13.17 22.69 -29.07
CA SER B 14 13.30 21.26 -29.34
C SER B 14 12.56 20.43 -28.30
N VAL B 15 11.63 19.59 -28.77
CA VAL B 15 10.84 18.74 -27.87
C VAL B 15 10.57 17.37 -28.49
N VAL B 16 11.02 16.33 -27.81
CA VAL B 16 10.77 14.96 -28.25
C VAL B 16 9.37 14.51 -27.82
N GLU B 17 8.51 14.20 -28.79
CA GLU B 17 7.13 13.79 -28.49
C GLU B 17 6.89 12.35 -28.92
N MET B 18 6.20 11.60 -28.08
CA MET B 18 5.87 10.21 -28.40
C MET B 18 4.37 9.99 -28.41
N GLN B 19 3.87 9.42 -29.50
CA GLN B 19 2.44 9.21 -29.66
C GLN B 19 2.07 7.82 -29.17
N GLY B 20 0.83 7.68 -28.72
CA GLY B 20 0.42 6.46 -28.04
C GLY B 20 -0.64 5.66 -28.75
N ASP B 21 -1.43 4.93 -27.97
CA ASP B 21 -2.42 4.01 -28.53
C ASP B 21 -3.83 4.31 -28.04
N GLU B 22 -4.81 3.82 -28.78
CA GLU B 22 -6.21 3.84 -28.38
C GLU B 22 -6.73 5.21 -27.96
N MET B 23 -7.51 5.24 -26.87
CA MET B 23 -8.23 6.44 -26.47
C MET B 23 -7.32 7.63 -26.19
N THR B 24 -6.13 7.36 -25.64
CA THR B 24 -5.19 8.43 -25.32
C THR B 24 -4.61 9.04 -26.59
N ARG B 25 -4.45 8.24 -27.63
CA ARG B 25 -3.95 8.73 -28.90
C ARG B 25 -4.91 9.76 -29.50
N ILE B 26 -6.20 9.57 -29.24
CA ILE B 26 -7.24 10.47 -29.72
C ILE B 26 -7.14 11.85 -29.08
N ILE B 27 -7.20 11.88 -27.75
CA ILE B 27 -7.17 13.15 -27.04
C ILE B 27 -5.79 13.79 -27.15
N TRP B 28 -4.77 12.97 -27.35
CA TRP B 28 -3.41 13.45 -27.49
C TRP B 28 -3.31 14.38 -28.70
N GLU B 29 -3.99 14.01 -29.77
CA GLU B 29 -3.99 14.80 -30.99
C GLU B 29 -4.90 16.00 -30.86
N LEU B 30 -5.93 15.87 -30.03
CA LEU B 30 -6.83 16.98 -29.76
C LEU B 30 -6.10 18.07 -29.01
N ILE B 31 -5.28 17.67 -28.04
CA ILE B 31 -4.52 18.62 -27.26
C ILE B 31 -3.55 19.37 -28.15
N LYS B 32 -2.81 18.63 -28.96
CA LYS B 32 -1.84 19.25 -29.87
C LYS B 32 -2.53 20.24 -30.79
N GLU B 33 -3.64 19.80 -31.37
CA GLU B 33 -4.36 20.61 -32.34
C GLU B 33 -5.10 21.79 -31.72
N LYS B 34 -5.71 21.56 -30.57
CA LYS B 34 -6.53 22.60 -29.93
C LYS B 34 -5.76 23.50 -28.96
N LEU B 35 -4.86 22.92 -28.19
CA LEU B 35 -4.27 23.68 -27.09
C LEU B 35 -2.82 24.10 -27.28
N ILE B 36 -2.04 23.29 -27.99
CA ILE B 36 -0.61 23.55 -28.10
C ILE B 36 -0.21 24.26 -29.39
N PHE B 37 -0.45 23.60 -30.51
CA PHE B 37 -0.03 24.10 -31.82
C PHE B 37 -0.55 25.49 -32.19
N PRO B 38 -1.81 25.79 -31.82
CA PRO B 38 -2.37 27.10 -32.21
C PRO B 38 -1.63 28.27 -31.55
N TYR B 39 -0.79 27.98 -30.57
CA TYR B 39 -0.12 29.05 -29.82
C TYR B 39 1.39 28.90 -29.78
N VAL B 40 1.90 27.69 -29.98
CA VAL B 40 3.33 27.43 -29.86
C VAL B 40 3.93 26.73 -31.08
N GLU B 41 5.14 27.14 -31.46
CA GLU B 41 5.86 26.50 -32.54
C GLU B 41 7.06 25.76 -31.97
N LEU B 42 7.20 24.48 -32.32
CA LEU B 42 8.25 23.65 -31.74
C LEU B 42 9.09 22.96 -32.81
N ASP B 43 10.38 22.81 -32.54
CA ASP B 43 11.23 21.93 -33.33
C ASP B 43 10.92 20.51 -32.90
N LEU B 44 9.78 20.01 -33.37
CA LEU B 44 9.25 18.74 -32.90
C LEU B 44 9.98 17.51 -33.40
N HIS B 45 10.57 16.77 -32.47
CA HIS B 45 11.07 15.45 -32.76
C HIS B 45 10.00 14.46 -32.32
N SER B 46 9.08 14.15 -33.22
CA SER B 46 7.95 13.30 -32.88
C SER B 46 8.17 11.85 -33.32
N TYR B 47 7.93 10.93 -32.39
CA TYR B 47 8.08 9.51 -32.66
C TYR B 47 6.76 8.79 -32.43
N ASP B 48 6.46 7.82 -33.29
CA ASP B 48 5.18 7.13 -33.28
C ASP B 48 5.26 5.82 -32.51
N LEU B 49 4.96 5.86 -31.21
CA LEU B 49 5.04 4.66 -30.39
C LEU B 49 3.73 3.89 -30.35
N GLY B 50 2.96 3.97 -31.43
CA GLY B 50 1.76 3.18 -31.56
C GLY B 50 2.11 1.71 -31.65
N ILE B 51 1.22 0.87 -31.13
CA ILE B 51 1.48 -0.57 -31.09
C ILE B 51 1.79 -1.15 -32.47
N GLU B 52 1.14 -0.63 -33.51
CA GLU B 52 1.37 -1.11 -34.86
C GLU B 52 2.76 -0.71 -35.34
N ASN B 53 3.11 0.55 -35.12
CA ASN B 53 4.40 1.06 -35.58
C ASN B 53 5.58 0.41 -34.87
N ARG B 54 5.42 0.13 -33.59
CA ARG B 54 6.45 -0.57 -32.83
C ARG B 54 6.68 -1.94 -33.46
N ASP B 55 5.60 -2.66 -33.70
CA ASP B 55 5.68 -3.97 -34.34
C ASP B 55 6.38 -3.89 -35.68
N ALA B 56 5.88 -3.04 -36.57
CA ALA B 56 6.41 -2.90 -37.91
C ALA B 56 7.89 -2.49 -37.94
N THR B 57 8.32 -1.75 -36.93
CA THR B 57 9.70 -1.29 -36.87
C THR B 57 10.53 -2.15 -35.93
N ASN B 58 9.92 -3.20 -35.40
CA ASN B 58 10.57 -4.05 -34.42
C ASN B 58 11.07 -3.27 -33.21
N ASP B 59 10.15 -2.49 -32.63
CA ASP B 59 10.43 -1.70 -31.43
C ASP B 59 11.70 -0.87 -31.53
N GLN B 60 12.14 -0.58 -32.75
CA GLN B 60 13.32 0.26 -32.94
C GLN B 60 12.93 1.71 -32.71
N VAL B 61 11.69 2.03 -33.04
CA VAL B 61 11.17 3.38 -32.87
C VAL B 61 11.28 3.80 -31.42
N THR B 62 11.08 2.86 -30.52
CA THR B 62 11.13 3.12 -29.10
C THR B 62 12.53 3.50 -28.65
N LYS B 63 13.52 2.70 -29.02
CA LYS B 63 14.90 2.98 -28.66
C LYS B 63 15.34 4.33 -29.19
N ASP B 64 14.90 4.65 -30.41
CA ASP B 64 15.26 5.92 -31.03
C ASP B 64 14.70 7.11 -30.26
N ALA B 65 13.47 6.98 -29.78
CA ALA B 65 12.81 8.05 -29.04
C ALA B 65 13.53 8.28 -27.71
N ALA B 66 14.01 7.19 -27.12
CA ALA B 66 14.74 7.28 -25.86
C ALA B 66 16.09 7.96 -26.08
N GLU B 67 16.72 7.67 -27.21
CA GLU B 67 17.98 8.31 -27.55
C GLU B 67 17.75 9.79 -27.87
N ALA B 68 16.55 10.08 -28.37
CA ALA B 68 16.18 11.44 -28.75
C ALA B 68 15.95 12.32 -27.52
N ILE B 69 15.33 11.73 -26.49
CA ILE B 69 15.11 12.45 -25.24
C ILE B 69 16.43 12.67 -24.54
N LYS B 70 17.27 11.64 -24.53
CA LYS B 70 18.58 11.70 -23.91
C LYS B 70 19.36 12.88 -24.48
N LYS B 71 19.06 13.25 -25.72
CA LYS B 71 19.80 14.29 -26.41
C LYS B 71 19.18 15.68 -26.26
N HIS B 72 17.86 15.75 -26.36
CA HIS B 72 17.15 17.04 -26.36
C HIS B 72 16.57 17.41 -25.00
N ASN B 73 16.73 16.52 -24.02
CA ASN B 73 16.43 16.81 -22.63
C ASN B 73 14.94 16.85 -22.25
N VAL B 74 14.06 16.98 -23.24
CA VAL B 74 12.63 17.02 -22.96
C VAL B 74 11.88 16.00 -23.80
N GLY B 75 11.06 15.19 -23.14
CA GLY B 75 10.21 14.24 -23.82
C GLY B 75 8.83 14.19 -23.19
N VAL B 76 7.79 14.31 -24.01
CA VAL B 76 6.41 14.19 -23.55
C VAL B 76 5.76 12.98 -24.21
N LYS B 77 5.24 12.05 -23.40
CA LYS B 77 4.79 10.77 -23.93
C LYS B 77 3.28 10.51 -23.81
N CYS B 78 2.73 9.89 -24.85
CA CYS B 78 1.34 9.48 -24.85
C CYS B 78 1.24 8.04 -24.36
N ALA B 79 0.16 7.71 -23.68
CA ALA B 79 -0.03 6.36 -23.15
C ALA B 79 0.10 5.34 -24.26
N THR B 80 0.84 4.26 -23.99
CA THR B 80 1.11 3.24 -25.00
C THR B 80 0.82 1.83 -24.50
N ILE B 81 0.17 1.04 -25.34
CA ILE B 81 -0.13 -0.36 -25.03
C ILE B 81 1.12 -1.19 -24.73
N THR B 82 1.13 -1.83 -23.56
CA THR B 82 2.14 -2.83 -23.26
C THR B 82 1.55 -4.19 -23.51
N PRO B 83 2.09 -4.92 -24.50
CA PRO B 83 1.55 -6.18 -25.00
C PRO B 83 1.53 -7.33 -23.98
N ASP B 84 0.44 -8.09 -23.99
CA ASP B 84 0.39 -9.39 -23.33
C ASP B 84 0.04 -10.45 -24.39
N GLU B 85 -0.45 -11.61 -23.96
CA GLU B 85 -0.80 -12.67 -24.90
C GLU B 85 -2.04 -12.30 -25.72
N LYS B 86 -2.96 -11.56 -25.10
CA LYS B 86 -4.17 -11.13 -25.76
C LYS B 86 -3.85 -10.05 -26.79
N ARG B 87 -2.88 -9.21 -26.45
CA ARG B 87 -2.42 -8.17 -27.36
C ARG B 87 -1.79 -8.80 -28.59
N VAL B 88 -0.84 -9.70 -28.36
CA VAL B 88 -0.15 -10.39 -29.44
C VAL B 88 -1.15 -11.01 -30.40
N GLU B 89 -2.21 -11.60 -29.86
CA GLU B 89 -3.23 -12.22 -30.70
C GLU B 89 -4.08 -11.17 -31.40
N GLU B 90 -4.36 -10.08 -30.71
CA GLU B 90 -5.19 -9.01 -31.26
C GLU B 90 -4.52 -8.30 -32.44
N PHE B 91 -3.29 -7.83 -32.24
CA PHE B 91 -2.58 -7.07 -33.26
C PHE B 91 -1.71 -7.95 -34.16
N LYS B 92 -1.77 -9.27 -33.95
CA LYS B 92 -0.94 -10.19 -34.72
C LYS B 92 0.52 -9.82 -34.60
N LEU B 93 0.88 -9.28 -33.44
CA LEU B 93 2.26 -8.90 -33.16
C LEU B 93 3.18 -10.07 -33.45
N LYS B 94 4.42 -9.77 -33.83
CA LYS B 94 5.41 -10.81 -34.12
C LYS B 94 6.37 -11.01 -32.95
N GLN B 95 5.90 -10.66 -31.77
CA GLN B 95 6.70 -10.77 -30.56
C GLN B 95 5.97 -10.00 -29.48
N MET B 96 6.18 -10.37 -28.23
CA MET B 96 5.59 -9.62 -27.15
C MET B 96 6.58 -8.57 -26.67
N TRP B 97 6.57 -7.43 -27.34
CA TRP B 97 7.52 -6.35 -27.08
C TRP B 97 7.41 -5.82 -25.66
N LYS B 98 8.55 -5.49 -25.08
CA LYS B 98 8.62 -4.96 -23.72
C LYS B 98 7.91 -3.61 -23.61
N SER B 99 7.46 -3.28 -22.39
CA SER B 99 6.83 -2.00 -22.15
C SER B 99 7.75 -0.88 -22.60
N PRO B 100 7.26 -0.01 -23.49
CA PRO B 100 8.03 1.13 -23.97
C PRO B 100 8.57 1.93 -22.80
N ASN B 101 7.74 2.14 -21.79
CA ASN B 101 8.15 2.87 -20.60
C ASN B 101 9.41 2.26 -20.01
N GLY B 102 9.43 0.95 -19.90
CA GLY B 102 10.59 0.25 -19.37
C GLY B 102 11.80 0.52 -20.22
N THR B 103 11.65 0.32 -21.52
CA THR B 103 12.74 0.52 -22.47
C THR B 103 13.35 1.90 -22.29
N ILE B 104 12.48 2.91 -22.21
CA ILE B 104 12.93 4.29 -22.08
C ILE B 104 13.61 4.53 -20.74
N ARG B 105 13.07 3.95 -19.67
CA ARG B 105 13.66 4.07 -18.34
C ARG B 105 15.06 3.48 -18.28
N ASN B 106 15.19 2.23 -18.71
CA ASN B 106 16.48 1.55 -18.69
C ASN B 106 17.54 2.39 -19.36
N ILE B 107 17.12 3.15 -20.37
CA ILE B 107 18.05 3.93 -21.18
C ILE B 107 18.38 5.28 -20.55
N LEU B 108 17.38 5.94 -19.97
CA LEU B 108 17.56 7.26 -19.41
C LEU B 108 17.91 7.23 -17.92
N GLY B 109 17.44 6.20 -17.22
CA GLY B 109 17.63 6.12 -15.79
C GLY B 109 16.87 7.23 -15.08
N GLY B 110 17.13 7.43 -13.80
CA GLY B 110 16.49 8.49 -13.05
C GLY B 110 15.32 8.04 -12.20
N THR B 111 14.69 9.00 -11.53
CA THR B 111 13.60 8.71 -10.59
C THR B 111 12.29 9.34 -11.05
N VAL B 112 11.20 8.58 -10.91
CA VAL B 112 9.88 9.04 -11.35
C VAL B 112 9.11 9.71 -10.21
N PHE B 113 8.39 10.79 -10.54
CA PHE B 113 7.59 11.51 -9.55
C PHE B 113 6.14 11.67 -9.99
N ARG B 114 5.22 11.09 -9.20
CA ARG B 114 3.80 11.18 -9.49
C ARG B 114 3.15 12.26 -8.64
N GLU B 115 2.13 12.92 -9.21
CA GLU B 115 1.47 14.03 -8.54
C GLU B 115 0.03 14.17 -9.03
N ALA B 116 -0.91 14.14 -8.11
CA ALA B 116 -2.30 14.38 -8.47
C ALA B 116 -2.56 15.87 -8.63
N ILE B 117 -3.14 16.25 -9.77
CA ILE B 117 -3.56 17.62 -9.98
C ILE B 117 -4.76 17.93 -9.10
N ILE B 118 -4.64 18.96 -8.27
CA ILE B 118 -5.65 19.28 -7.28
C ILE B 118 -6.65 20.33 -7.75
N CYS B 119 -7.93 20.07 -7.49
CA CYS B 119 -8.98 21.05 -7.73
C CYS B 119 -9.77 21.27 -6.44
N LYS B 120 -10.26 22.51 -6.25
CA LYS B 120 -10.96 22.85 -5.01
C LYS B 120 -12.38 22.27 -4.93
N ASN B 121 -12.99 22.05 -6.08
CA ASN B 121 -14.32 21.43 -6.10
C ASN B 121 -14.27 19.91 -6.23
N ILE B 122 -13.07 19.36 -6.17
CA ILE B 122 -12.86 17.93 -6.26
C ILE B 122 -12.27 17.37 -4.96
N PRO B 123 -12.95 16.36 -4.38
CA PRO B 123 -12.58 15.74 -3.09
C PRO B 123 -11.19 15.10 -3.12
N ARG B 124 -10.44 15.29 -2.06
CA ARG B 124 -9.14 14.64 -1.92
C ARG B 124 -9.25 13.54 -0.87
N LEU B 125 -8.19 12.78 -0.66
CA LEU B 125 -8.20 11.72 0.34
C LEU B 125 -8.26 12.34 1.73
N VAL B 126 -7.44 13.36 1.95
CA VAL B 126 -7.55 14.21 3.13
C VAL B 126 -8.16 15.52 2.69
N SER B 127 -9.35 15.83 3.20
CA SER B 127 -10.06 17.05 2.82
C SER B 127 -9.25 18.30 3.16
N GLY B 128 -8.11 18.12 3.84
CA GLY B 128 -7.25 19.23 4.20
C GLY B 128 -6.26 19.55 3.09
N TRP B 129 -5.99 18.57 2.24
CA TRP B 129 -5.03 18.73 1.15
C TRP B 129 -5.43 19.83 0.19
N VAL B 130 -4.65 20.91 0.16
CA VAL B 130 -4.91 22.02 -0.74
C VAL B 130 -3.75 22.18 -1.70
N LYS B 131 -2.55 21.84 -1.24
CA LYS B 131 -1.35 21.89 -2.08
C LYS B 131 -0.94 20.47 -2.47
N PRO B 132 -0.45 20.29 -3.70
CA PRO B 132 -0.12 18.96 -4.23
C PRO B 132 1.00 18.27 -3.45
N ILE B 133 1.02 16.94 -3.50
CA ILE B 133 2.07 16.16 -2.85
C ILE B 133 2.77 15.24 -3.83
N ILE B 134 3.99 15.63 -4.21
CA ILE B 134 4.78 14.85 -5.15
C ILE B 134 5.46 13.68 -4.46
N ILE B 135 5.24 12.48 -4.98
CA ILE B 135 5.85 11.27 -4.41
C ILE B 135 6.82 10.61 -5.38
N GLY B 136 7.96 10.17 -4.86
CA GLY B 136 8.97 9.51 -5.68
C GLY B 136 9.53 8.25 -5.05
N ARG B 137 9.18 7.11 -5.63
CA ARG B 137 9.67 5.83 -5.13
C ARG B 137 11.03 5.46 -5.73
N HIS B 138 11.71 4.49 -5.11
CA HIS B 138 13.02 4.06 -5.58
C HIS B 138 12.94 2.66 -6.18
N ALA B 139 13.00 2.58 -7.51
CA ALA B 139 12.87 1.29 -8.20
C ALA B 139 14.15 0.46 -8.13
N ARG B 145 19.08 -5.38 -9.19
CA ARG B 145 18.56 -6.73 -9.36
C ARG B 145 18.67 -7.52 -8.05
N ALA B 146 18.37 -8.82 -8.12
CA ALA B 146 18.43 -9.69 -6.95
C ALA B 146 18.52 -11.15 -7.36
N THR B 147 19.54 -11.83 -6.87
CA THR B 147 19.75 -13.24 -7.17
C THR B 147 19.03 -14.11 -6.15
N ASP B 148 18.15 -14.98 -6.62
CA ASP B 148 17.39 -15.87 -5.76
C ASP B 148 17.58 -17.33 -6.19
N PHE B 149 17.54 -18.24 -5.24
CA PHE B 149 17.71 -19.66 -5.56
C PHE B 149 16.94 -20.56 -4.59
N VAL B 150 16.75 -21.82 -4.98
CA VAL B 150 16.00 -22.77 -4.18
C VAL B 150 16.91 -23.62 -3.30
N VAL B 151 16.54 -23.75 -2.03
CA VAL B 151 17.32 -24.55 -1.10
C VAL B 151 16.78 -25.97 -1.03
N PRO B 152 17.57 -26.93 -1.53
CA PRO B 152 17.22 -28.35 -1.33
C PRO B 152 17.20 -28.65 0.15
N GLY B 153 18.16 -28.10 0.88
CA GLY B 153 18.20 -28.15 2.33
C GLY B 153 18.31 -29.56 2.90
N PRO B 154 18.71 -29.66 4.17
CA PRO B 154 19.05 -28.49 4.99
C PRO B 154 20.45 -27.97 4.67
N GLY B 155 21.03 -27.22 5.59
CA GLY B 155 22.36 -26.67 5.40
C GLY B 155 22.45 -25.20 5.72
N LYS B 156 23.66 -24.73 6.02
CA LYS B 156 23.90 -23.33 6.35
C LYS B 156 24.01 -22.48 5.09
N VAL B 157 23.10 -21.51 4.97
CA VAL B 157 23.18 -20.53 3.91
C VAL B 157 23.78 -19.27 4.48
N GLU B 158 24.98 -18.91 4.01
CA GLU B 158 25.67 -17.74 4.53
C GLU B 158 25.96 -16.70 3.46
N ILE B 159 25.91 -15.43 3.87
CA ILE B 159 26.31 -14.33 3.00
C ILE B 159 27.64 -13.76 3.48
N THR B 160 28.65 -13.84 2.63
CA THR B 160 29.98 -13.38 2.98
C THR B 160 30.37 -12.17 2.16
N TYR B 161 31.16 -11.28 2.74
CA TYR B 161 31.67 -10.11 2.04
C TYR B 161 33.17 -10.01 2.24
N THR B 162 33.91 -10.07 1.15
CA THR B 162 35.36 -9.94 1.21
C THR B 162 35.81 -8.73 0.41
N PRO B 163 36.31 -7.69 1.09
CA PRO B 163 36.75 -6.47 0.42
C PRO B 163 37.82 -6.77 -0.61
N SER B 164 37.70 -6.20 -1.81
CA SER B 164 38.72 -6.35 -2.84
C SER B 164 40.04 -5.95 -2.21
N ASP B 165 39.94 -4.99 -1.29
CA ASP B 165 41.03 -4.60 -0.41
C ASP B 165 41.97 -5.77 -0.13
N GLY B 166 41.39 -6.94 0.12
CA GLY B 166 42.17 -8.14 0.34
C GLY B 166 42.28 -8.50 1.82
N THR B 167 42.07 -7.52 2.68
CA THR B 167 42.19 -7.73 4.12
C THR B 167 41.08 -8.59 4.70
N GLN B 168 40.32 -8.03 5.64
CA GLN B 168 39.29 -8.77 6.37
C GLN B 168 38.30 -9.55 5.50
N LYS B 169 37.45 -10.32 6.17
CA LYS B 169 36.40 -11.11 5.53
C LYS B 169 35.34 -11.47 6.55
N VAL B 170 34.13 -10.95 6.36
CA VAL B 170 33.05 -11.18 7.30
C VAL B 170 31.95 -12.09 6.72
N THR B 171 31.48 -13.02 7.54
CA THR B 171 30.44 -13.96 7.12
C THR B 171 29.23 -13.90 8.05
N TYR B 172 28.07 -13.56 7.50
CA TYR B 172 26.82 -13.67 8.24
C TYR B 172 26.06 -14.84 7.63
N LEU B 173 25.39 -15.64 8.46
CA LEU B 173 24.54 -16.69 7.91
C LEU B 173 23.07 -16.28 7.97
N VAL B 174 22.40 -16.36 6.83
CA VAL B 174 21.01 -15.93 6.73
C VAL B 174 20.08 -16.93 7.39
N HIS B 175 20.46 -18.21 7.35
CA HIS B 175 19.70 -19.24 8.05
C HIS B 175 20.39 -20.59 7.94
N ASN B 176 20.21 -21.40 8.96
CA ASN B 176 20.72 -22.76 8.92
C ASN B 176 19.57 -23.74 8.94
N PHE B 177 19.15 -24.18 7.77
CA PHE B 177 18.06 -25.14 7.66
C PHE B 177 18.44 -26.44 8.34
N GLU B 178 17.48 -27.01 9.07
CA GLU B 178 17.61 -28.35 9.63
C GLU B 178 16.34 -29.11 9.32
N GLU B 179 15.24 -28.38 9.36
CA GLU B 179 13.91 -28.91 9.09
C GLU B 179 13.84 -29.49 7.68
N GLY B 180 14.49 -28.81 6.74
CA GLY B 180 14.43 -29.17 5.34
C GLY B 180 14.40 -27.91 4.50
N GLY B 181 15.08 -27.95 3.36
CA GLY B 181 15.24 -26.78 2.51
C GLY B 181 14.01 -25.95 2.21
N GLY B 182 14.24 -24.82 1.55
CA GLY B 182 13.17 -23.92 1.18
C GLY B 182 13.65 -23.02 0.06
N VAL B 183 13.81 -21.73 0.35
CA VAL B 183 14.27 -20.78 -0.65
C VAL B 183 14.99 -19.61 0.01
N ALA B 184 16.03 -19.11 -0.66
CA ALA B 184 16.80 -17.98 -0.14
C ALA B 184 17.18 -17.05 -1.28
N MET B 185 17.70 -15.87 -0.94
CA MET B 185 18.07 -14.88 -1.95
C MET B 185 19.03 -13.83 -1.39
N GLY B 186 19.59 -13.01 -2.27
CA GLY B 186 20.49 -11.94 -1.85
C GLY B 186 20.21 -10.62 -2.54
N MET B 187 20.07 -9.57 -1.75
CA MET B 187 19.81 -8.22 -2.27
C MET B 187 21.09 -7.39 -2.28
N TYR B 188 21.05 -6.26 -2.97
CA TYR B 188 22.15 -5.32 -2.93
C TYR B 188 21.72 -3.97 -3.47
N ASN B 189 22.54 -2.95 -3.22
CA ASN B 189 22.27 -1.62 -3.74
C ASN B 189 23.56 -0.84 -3.94
N GLN B 190 23.78 -0.38 -5.16
CA GLN B 190 24.90 0.50 -5.46
C GLN B 190 24.76 1.75 -4.60
N ASP B 191 25.89 2.30 -4.15
CA ASP B 191 25.86 3.60 -3.49
C ASP B 191 25.39 4.64 -4.50
N LYS B 192 25.88 4.50 -5.73
CA LYS B 192 25.50 5.37 -6.83
C LYS B 192 23.98 5.54 -6.88
N SER B 193 23.26 4.42 -6.96
CA SER B 193 21.81 4.44 -7.11
C SER B 193 21.14 5.31 -6.07
N ILE B 194 21.65 5.25 -4.84
CA ILE B 194 21.06 6.02 -3.75
C ILE B 194 21.38 7.50 -3.94
N GLU B 195 22.59 7.80 -4.42
CA GLU B 195 23.01 9.17 -4.67
C GLU B 195 22.15 9.81 -5.75
N ASP B 196 21.96 9.08 -6.84
CA ASP B 196 21.11 9.53 -7.94
C ASP B 196 19.69 9.79 -7.45
N PHE B 197 19.21 8.92 -6.57
CA PHE B 197 17.91 9.09 -5.94
C PHE B 197 17.87 10.41 -5.19
N ALA B 198 18.95 10.68 -4.45
CA ALA B 198 19.08 11.91 -3.67
C ALA B 198 19.09 13.15 -4.56
N HIS B 199 19.97 13.18 -5.55
CA HIS B 199 20.05 14.32 -6.45
C HIS B 199 18.73 14.56 -7.16
N SER B 200 18.27 13.54 -7.90
CA SER B 200 16.97 13.62 -8.54
C SER B 200 15.96 14.26 -7.60
N SER B 201 15.89 13.75 -6.38
CA SER B 201 14.93 14.22 -5.39
C SER B 201 15.13 15.67 -4.97
N PHE B 202 16.36 16.02 -4.59
CA PHE B 202 16.65 17.36 -4.10
C PHE B 202 16.33 18.42 -5.15
N GLN B 203 16.62 18.11 -6.40
CA GLN B 203 16.37 19.05 -7.50
C GLN B 203 14.87 19.32 -7.67
N MET B 204 14.09 18.26 -7.59
CA MET B 204 12.63 18.38 -7.69
C MET B 204 12.09 19.28 -6.58
N ALA B 205 12.64 19.13 -5.38
CA ALA B 205 12.22 19.94 -4.24
C ALA B 205 12.52 21.41 -4.48
N LEU B 206 13.58 21.70 -5.21
CA LEU B 206 13.93 23.06 -5.56
C LEU B 206 13.08 23.57 -6.72
N SER B 207 13.02 22.77 -7.79
CA SER B 207 12.27 23.18 -8.99
C SER B 207 10.79 23.35 -8.70
N LYS B 208 10.31 22.73 -7.62
CA LYS B 208 8.92 22.89 -7.22
C LYS B 208 8.80 23.78 -5.99
N GLY B 209 9.94 24.23 -5.47
CA GLY B 209 9.97 25.12 -4.33
C GLY B 209 9.21 24.59 -3.13
N TRP B 210 9.44 23.33 -2.79
CA TRP B 210 8.77 22.70 -1.65
C TRP B 210 9.74 21.85 -0.82
N PRO B 211 9.40 21.65 0.48
CA PRO B 211 10.23 20.87 1.39
C PRO B 211 10.30 19.39 1.00
N LEU B 212 11.47 18.78 1.17
CA LEU B 212 11.67 17.38 0.81
C LEU B 212 11.69 16.50 2.06
N TYR B 213 10.93 15.41 2.01
CA TYR B 213 10.92 14.44 3.09
C TYR B 213 11.31 13.06 2.56
N LEU B 214 12.18 12.37 3.29
CA LEU B 214 12.54 10.99 2.98
C LEU B 214 12.02 10.08 4.07
N SER B 215 11.00 9.29 3.76
CA SER B 215 10.46 8.35 4.74
C SER B 215 11.05 6.96 4.54
N THR B 216 11.39 6.30 5.64
CA THR B 216 11.91 4.95 5.57
C THR B 216 11.62 4.20 6.86
N LYS B 217 11.67 2.87 6.80
CA LYS B 217 11.50 2.07 8.01
C LYS B 217 12.84 1.57 8.53
N ASN B 218 13.69 2.52 8.93
CA ASN B 218 15.02 2.24 9.45
C ASN B 218 15.02 1.17 10.54
N THR B 219 14.19 1.39 11.57
CA THR B 219 14.09 0.48 12.71
C THR B 219 14.24 -1.00 12.34
N ILE B 220 13.40 -1.45 11.41
CA ILE B 220 13.37 -2.85 10.98
C ILE B 220 14.71 -3.29 10.37
N LEU B 221 15.05 -2.72 9.21
CA LEU B 221 16.34 -2.99 8.56
C LEU B 221 17.27 -1.81 8.74
N LYS B 222 17.88 -1.72 9.91
CA LYS B 222 18.72 -0.59 10.27
C LYS B 222 19.81 -0.32 9.23
N LYS B 223 20.62 -1.33 8.94
CA LYS B 223 21.77 -1.15 8.06
C LYS B 223 21.41 -0.66 6.67
N TYR B 224 20.33 -1.19 6.10
CA TYR B 224 19.93 -0.85 4.74
C TYR B 224 19.40 0.59 4.67
N ASP B 225 18.28 0.84 5.33
CA ASP B 225 17.67 2.17 5.32
C ASP B 225 18.60 3.21 5.92
N GLY B 226 19.49 2.77 6.79
CA GLY B 226 20.46 3.65 7.41
C GLY B 226 21.32 4.32 6.37
N ARG B 227 21.85 3.52 5.44
CA ARG B 227 22.67 4.06 4.37
C ARG B 227 21.91 5.10 3.57
N PHE B 228 20.59 4.95 3.49
CA PHE B 228 19.75 5.90 2.77
C PHE B 228 19.65 7.23 3.50
N LYS B 229 19.32 7.17 4.79
CA LYS B 229 19.20 8.37 5.60
C LYS B 229 20.50 9.18 5.57
N ASP B 230 21.61 8.47 5.59
CA ASP B 230 22.94 9.09 5.64
C ASP B 230 23.29 9.76 4.32
N ILE B 231 23.34 8.98 3.25
CA ILE B 231 23.73 9.51 1.94
C ILE B 231 22.94 10.75 1.58
N PHE B 232 21.65 10.76 1.91
CA PHE B 232 20.82 11.92 1.70
C PHE B 232 21.37 13.12 2.48
N GLN B 233 21.54 12.95 3.79
CA GLN B 233 22.12 13.99 4.64
C GLN B 233 23.45 14.47 4.08
N GLU B 234 24.35 13.53 3.81
CA GLU B 234 25.67 13.85 3.31
C GLU B 234 25.59 14.73 2.07
N ILE B 235 24.78 14.32 1.10
CA ILE B 235 24.67 15.04 -0.16
C ILE B 235 23.96 16.39 0.01
N TYR B 236 23.03 16.46 0.95
CA TYR B 236 22.28 17.68 1.21
C TYR B 236 23.19 18.83 1.64
N ASP B 237 23.87 18.65 2.76
CA ASP B 237 24.77 19.65 3.29
C ASP B 237 25.89 19.96 2.30
N LYS B 238 26.52 18.91 1.77
CA LYS B 238 27.60 19.05 0.82
C LYS B 238 27.22 19.86 -0.44
N GLN B 239 25.94 19.82 -0.81
CA GLN B 239 25.55 20.42 -2.09
C GLN B 239 24.25 21.24 -2.10
N TYR B 240 23.27 20.84 -1.28
CA TYR B 240 21.93 21.39 -1.44
C TYR B 240 21.37 22.22 -0.28
N LYS B 241 22.14 22.46 0.78
CA LYS B 241 21.59 23.18 1.91
C LYS B 241 21.27 24.64 1.60
N SER B 242 22.27 25.35 1.07
CA SER B 242 22.09 26.76 0.73
C SER B 242 20.82 27.01 -0.05
N GLN B 243 20.71 26.39 -1.23
CA GLN B 243 19.54 26.60 -2.09
C GLN B 243 18.25 26.45 -1.31
N PHE B 244 18.16 25.42 -0.47
CA PHE B 244 16.94 25.18 0.30
C PHE B 244 16.61 26.34 1.23
N GLU B 245 17.60 26.76 2.02
CA GLU B 245 17.43 27.91 2.89
C GLU B 245 17.10 29.16 2.08
N ALA B 246 17.77 29.30 0.94
CA ALA B 246 17.57 30.44 0.06
C ALA B 246 16.11 30.56 -0.36
N GLN B 247 15.50 29.42 -0.67
CA GLN B 247 14.10 29.40 -1.10
C GLN B 247 13.16 29.15 0.08
N LYS B 248 13.67 29.35 1.29
CA LYS B 248 12.89 29.16 2.51
C LYS B 248 12.33 27.73 2.60
N ILE B 249 13.12 26.78 2.13
CA ILE B 249 12.73 25.37 2.15
C ILE B 249 13.66 24.58 3.07
N TRP B 250 13.67 23.25 2.93
CA TRP B 250 14.48 22.37 3.76
C TRP B 250 14.26 20.91 3.40
N TYR B 251 15.16 20.05 3.86
CA TYR B 251 14.98 18.60 3.77
C TYR B 251 15.00 17.98 5.17
N GLU B 252 14.37 16.83 5.34
CA GLU B 252 14.29 16.19 6.64
C GLU B 252 13.73 14.77 6.55
N HIS B 253 14.33 13.85 7.29
CA HIS B 253 13.91 12.45 7.28
C HIS B 253 12.84 12.14 8.32
N ARG B 254 12.09 11.07 8.09
CA ARG B 254 11.08 10.63 9.04
C ARG B 254 10.84 9.14 8.87
N LEU B 255 10.37 8.49 9.93
CA LEU B 255 9.96 7.09 9.81
C LEU B 255 8.59 7.05 9.13
N ILE B 256 8.31 5.97 8.42
CA ILE B 256 7.07 5.87 7.64
C ILE B 256 5.86 6.27 8.46
N ASP B 257 5.81 5.78 9.69
CA ASP B 257 4.65 5.96 10.56
C ASP B 257 4.50 7.43 10.96
N ASP B 258 5.62 8.06 11.31
CA ASP B 258 5.61 9.47 11.69
C ASP B 258 5.38 10.35 10.47
N MET B 259 5.63 9.78 9.29
CA MET B 259 5.37 10.48 8.05
C MET B 259 3.89 10.46 7.69
N VAL B 260 3.31 9.26 7.70
CA VAL B 260 1.90 9.09 7.38
C VAL B 260 1.04 9.97 8.26
N ALA B 261 1.42 10.07 9.53
CA ALA B 261 0.64 10.80 10.52
C ALA B 261 0.69 12.32 10.34
N GLN B 262 1.90 12.88 10.33
CA GLN B 262 2.05 14.33 10.20
C GLN B 262 1.58 14.78 8.82
N ALA B 263 1.45 13.81 7.90
CA ALA B 263 0.90 14.07 6.58
C ALA B 263 -0.62 14.23 6.67
N MET B 264 -1.26 13.31 7.39
CA MET B 264 -2.71 13.34 7.55
C MET B 264 -3.19 14.66 8.17
N LYS B 265 -2.29 15.35 8.85
CA LYS B 265 -2.61 16.61 9.50
C LYS B 265 -2.08 17.82 8.74
N SER B 266 -1.65 17.58 7.50
CA SER B 266 -1.04 18.66 6.71
C SER B 266 -1.93 19.14 5.58
N GLU B 267 -1.48 20.21 4.93
CA GLU B 267 -2.19 20.76 3.78
C GLU B 267 -1.54 20.29 2.49
N GLY B 268 -0.43 19.55 2.63
CA GLY B 268 0.33 19.10 1.48
C GLY B 268 1.35 20.14 1.04
N GLY B 269 1.82 20.03 -0.19
CA GLY B 269 2.78 20.99 -0.72
C GLY B 269 4.20 20.64 -0.36
N PHE B 270 4.58 19.38 -0.62
CA PHE B 270 5.92 18.91 -0.31
C PHE B 270 6.28 17.67 -1.12
N ILE B 271 7.57 17.50 -1.37
CA ILE B 271 8.07 16.32 -2.06
C ILE B 271 8.30 15.20 -1.05
N TRP B 272 7.96 13.97 -1.44
CA TRP B 272 8.10 12.81 -0.54
C TRP B 272 8.84 11.67 -1.23
N ALA B 273 10.05 11.38 -0.73
CA ALA B 273 10.87 10.30 -1.29
C ALA B 273 10.71 9.00 -0.51
N CYS B 274 10.16 7.99 -1.18
CA CYS B 274 9.92 6.68 -0.57
C CYS B 274 10.99 5.66 -0.98
N LYS B 275 11.92 5.40 -0.07
CA LYS B 275 12.91 4.35 -0.28
C LYS B 275 12.12 3.04 -0.42
N ASN B 276 10.99 3.02 0.27
CA ASN B 276 10.22 1.82 0.60
C ASN B 276 9.85 0.85 -0.53
N TYR B 277 9.84 -0.45 -0.17
CA TYR B 277 9.51 -1.55 -1.09
C TYR B 277 8.06 -1.46 -1.55
N GLY B 291 -8.88 7.53 -5.92
CA GLY B 291 -9.49 8.71 -6.49
C GLY B 291 -9.67 8.63 -7.99
N SER B 292 -9.26 9.67 -8.71
CA SER B 292 -9.38 9.70 -10.17
C SER B 292 -8.03 9.74 -10.87
N LEU B 293 -7.89 8.93 -11.92
CA LEU B 293 -6.61 8.78 -12.60
C LEU B 293 -6.37 9.84 -13.65
N GLY B 294 -7.43 10.42 -14.18
CA GLY B 294 -7.31 11.46 -15.18
C GLY B 294 -6.55 12.66 -14.63
N MET B 295 -6.27 12.62 -13.34
CA MET B 295 -5.63 13.74 -12.64
C MET B 295 -4.23 13.36 -12.17
N MET B 296 -3.79 12.16 -12.52
CA MET B 296 -2.50 11.67 -12.05
C MET B 296 -1.43 11.80 -13.14
N THR B 297 -0.47 12.71 -12.95
CA THR B 297 0.66 12.82 -13.88
C THR B 297 1.87 12.08 -13.34
N SER B 298 2.92 12.02 -14.16
CA SER B 298 4.14 11.30 -13.81
C SER B 298 5.33 11.83 -14.60
N VAL B 299 6.43 12.09 -13.88
CA VAL B 299 7.63 12.65 -14.49
C VAL B 299 8.90 11.91 -14.09
N LEU B 300 9.66 11.46 -15.09
CA LEU B 300 10.95 10.80 -14.85
C LEU B 300 12.09 11.81 -14.83
N VAL B 301 12.66 12.02 -13.65
CA VAL B 301 13.71 13.01 -13.49
C VAL B 301 15.09 12.37 -13.43
N CYS B 302 15.86 12.55 -14.50
CA CYS B 302 17.23 12.07 -14.53
C CYS B 302 18.04 12.87 -13.52
N PRO B 303 19.07 12.23 -12.95
CA PRO B 303 19.86 12.83 -11.87
C PRO B 303 20.70 14.01 -12.36
N ASP B 304 21.02 14.05 -13.65
CA ASP B 304 21.84 15.13 -14.20
C ASP B 304 21.17 16.50 -14.05
N GLY B 305 19.89 16.48 -13.72
CA GLY B 305 19.13 17.71 -13.58
C GLY B 305 18.79 18.35 -14.91
N LYS B 306 19.08 17.66 -16.01
CA LYS B 306 18.84 18.21 -17.33
C LYS B 306 17.67 17.56 -18.06
N THR B 307 17.68 16.23 -18.12
CA THR B 307 16.68 15.48 -18.88
C THR B 307 15.44 15.20 -18.05
N VAL B 308 14.29 15.19 -18.71
CA VAL B 308 13.01 14.98 -18.06
C VAL B 308 12.03 14.35 -19.03
N GLU B 309 11.18 13.46 -18.53
CA GLU B 309 10.10 12.94 -19.36
C GLU B 309 8.76 13.01 -18.63
N ALA B 310 7.78 13.62 -19.27
CA ALA B 310 6.47 13.78 -18.68
C ALA B 310 5.43 12.94 -19.41
N GLU B 311 4.56 12.27 -18.66
CA GLU B 311 3.54 11.42 -19.24
C GLU B 311 2.40 11.24 -18.25
N ALA B 312 1.22 10.90 -18.76
CA ALA B 312 0.09 10.62 -17.89
C ALA B 312 0.41 9.36 -17.10
N ALA B 313 -0.12 9.29 -15.88
CA ALA B 313 0.12 8.14 -15.02
C ALA B 313 -0.86 7.01 -15.32
N HIS B 314 -1.86 7.28 -16.16
CA HIS B 314 -2.85 6.28 -16.52
C HIS B 314 -2.50 5.54 -17.81
N GLY B 315 -3.35 4.61 -18.23
CA GLY B 315 -3.12 3.82 -19.42
C GLY B 315 -3.77 4.43 -20.65
N THR B 316 -4.03 3.60 -21.65
CA THR B 316 -4.63 4.05 -22.90
C THR B 316 -6.14 4.16 -22.78
N VAL B 317 -6.65 3.86 -21.58
CA VAL B 317 -8.08 3.90 -21.33
C VAL B 317 -8.84 3.09 -22.36
N THR B 318 -8.57 1.80 -22.39
CA THR B 318 -9.11 0.92 -23.43
C THR B 318 -10.63 0.80 -23.40
N ARG B 319 -11.21 0.67 -22.22
CA ARG B 319 -12.66 0.52 -22.10
C ARG B 319 -13.39 1.67 -22.80
N HIS B 320 -12.83 2.87 -22.66
CA HIS B 320 -13.39 4.06 -23.31
C HIS B 320 -13.23 3.97 -24.82
N TYR B 321 -12.12 3.39 -25.27
CA TYR B 321 -11.85 3.28 -26.69
C TYR B 321 -12.83 2.33 -27.34
N ARG B 322 -13.05 1.18 -26.71
CA ARG B 322 -14.00 0.20 -27.23
C ARG B 322 -15.38 0.82 -27.45
N MET B 323 -15.74 1.76 -26.60
CA MET B 323 -16.99 2.51 -26.74
C MET B 323 -16.92 3.46 -27.92
N TYR B 324 -15.84 4.24 -27.98
CA TYR B 324 -15.62 5.16 -29.08
C TYR B 324 -15.74 4.42 -30.41
N GLN B 325 -15.11 3.25 -30.48
CA GLN B 325 -15.17 2.43 -31.68
C GLN B 325 -16.60 2.06 -32.04
N LYS B 326 -17.41 1.78 -31.03
CA LYS B 326 -18.79 1.39 -31.28
C LYS B 326 -19.68 2.58 -31.67
N GLY B 327 -19.18 3.79 -31.44
CA GLY B 327 -19.92 4.99 -31.77
C GLY B 327 -20.63 5.60 -30.55
N GLN B 328 -20.44 4.97 -29.40
CA GLN B 328 -21.04 5.47 -28.16
C GLN B 328 -20.29 6.70 -27.68
N GLU B 329 -20.99 7.59 -27.00
CA GLU B 329 -20.38 8.80 -26.46
C GLU B 329 -19.40 8.48 -25.34
N THR B 330 -18.26 9.17 -25.32
CA THR B 330 -17.25 8.95 -24.30
C THR B 330 -16.91 10.23 -23.53
N SER B 331 -16.49 10.06 -22.27
CA SER B 331 -16.09 11.20 -21.45
C SER B 331 -14.76 10.91 -20.77
N THR B 332 -13.67 11.16 -21.48
CA THR B 332 -12.33 10.88 -20.97
C THR B 332 -11.65 12.15 -20.47
N ASN B 333 -11.04 12.04 -19.29
CA ASN B 333 -10.35 13.16 -18.66
C ASN B 333 -8.97 13.36 -19.28
N PRO B 334 -8.73 14.54 -19.86
CA PRO B 334 -7.49 14.78 -20.60
C PRO B 334 -6.47 15.49 -19.72
N ILE B 335 -6.82 15.77 -18.48
CA ILE B 335 -5.97 16.57 -17.60
C ILE B 335 -4.55 16.01 -17.46
N ALA B 336 -4.45 14.73 -17.10
CA ALA B 336 -3.14 14.11 -16.94
C ALA B 336 -2.31 14.22 -18.22
N SER B 337 -2.95 13.99 -19.36
CA SER B 337 -2.28 14.08 -20.64
C SER B 337 -1.81 15.51 -20.89
N ILE B 338 -2.70 16.46 -20.63
CA ILE B 338 -2.39 17.87 -20.83
C ILE B 338 -1.19 18.28 -20.01
N PHE B 339 -1.16 17.88 -18.75
CA PHE B 339 -0.07 18.24 -17.85
C PHE B 339 1.24 17.54 -18.21
N ALA B 340 1.16 16.49 -19.02
CA ALA B 340 2.38 15.89 -19.54
C ALA B 340 3.07 16.92 -20.42
N TRP B 341 2.27 17.67 -21.17
CA TRP B 341 2.78 18.72 -22.04
C TRP B 341 3.26 19.92 -21.24
N THR B 342 2.44 20.36 -20.29
CA THR B 342 2.76 21.56 -19.52
C THR B 342 4.02 21.38 -18.68
N ARG B 343 4.16 20.21 -18.06
CA ARG B 343 5.36 19.92 -17.28
C ARG B 343 6.58 19.85 -18.20
N GLY B 344 6.40 19.26 -19.37
CA GLY B 344 7.44 19.17 -20.36
C GLY B 344 7.85 20.54 -20.84
N LEU B 345 6.88 21.31 -21.32
CA LEU B 345 7.15 22.64 -21.85
C LEU B 345 7.71 23.58 -20.79
N ALA B 346 7.28 23.39 -19.54
CA ALA B 346 7.75 24.20 -18.42
C ALA B 346 9.24 23.98 -18.22
N HIS B 347 9.68 22.77 -18.52
CA HIS B 347 11.07 22.41 -18.35
C HIS B 347 11.92 22.84 -19.53
N ARG B 348 11.34 22.81 -20.73
CA ARG B 348 12.02 23.33 -21.90
C ARG B 348 12.28 24.81 -21.69
N ALA B 349 11.22 25.54 -21.35
CA ALA B 349 11.32 26.96 -21.04
C ALA B 349 12.39 27.18 -19.97
N LYS B 350 12.24 26.51 -18.83
CA LYS B 350 13.21 26.63 -17.74
C LYS B 350 14.64 26.47 -18.24
N LEU B 351 14.85 25.51 -19.15
CA LEU B 351 16.18 25.26 -19.71
C LEU B 351 16.64 26.39 -20.61
N ASP B 352 15.73 26.91 -21.41
CA ASP B 352 16.08 27.91 -22.42
C ASP B 352 15.85 29.33 -21.93
N ASN B 353 15.50 29.48 -20.66
CA ASN B 353 15.13 30.80 -20.12
C ASN B 353 14.10 31.46 -21.02
N ASN B 354 13.13 30.66 -21.46
CA ASN B 354 12.09 31.11 -22.37
C ASN B 354 10.89 31.62 -21.58
N LYS B 355 10.90 32.91 -21.25
CA LYS B 355 9.84 33.53 -20.46
C LYS B 355 8.46 33.26 -21.02
N GLU B 356 8.29 33.55 -22.31
CA GLU B 356 7.03 33.37 -23.00
C GLU B 356 6.49 31.96 -22.78
N LEU B 357 7.23 30.97 -23.27
CA LEU B 357 6.85 29.57 -23.14
C LEU B 357 6.53 29.21 -21.69
N ALA B 358 7.42 29.60 -20.79
CA ALA B 358 7.24 29.33 -19.37
C ALA B 358 5.89 29.87 -18.90
N PHE B 359 5.47 30.98 -19.50
CA PHE B 359 4.21 31.60 -19.14
C PHE B 359 3.04 30.81 -19.69
N PHE B 360 3.13 30.43 -20.96
CA PHE B 360 2.09 29.66 -21.60
C PHE B 360 1.83 28.36 -20.84
N ALA B 361 2.91 27.69 -20.46
CA ALA B 361 2.82 26.44 -19.69
C ALA B 361 1.97 26.64 -18.44
N ASN B 362 2.28 27.68 -17.66
CA ASN B 362 1.51 28.00 -16.47
C ASN B 362 0.07 28.37 -16.82
N ALA B 363 -0.09 29.17 -17.88
CA ALA B 363 -1.41 29.60 -18.32
C ALA B 363 -2.31 28.41 -18.61
N LEU B 364 -1.74 27.41 -19.27
CA LEU B 364 -2.49 26.21 -19.65
C LEU B 364 -2.90 25.38 -18.43
N GLU B 365 -2.02 25.29 -17.45
CA GLU B 365 -2.35 24.59 -16.21
C GLU B 365 -3.45 25.32 -15.47
N GLU B 366 -3.43 26.65 -15.52
CA GLU B 366 -4.45 27.44 -14.84
C GLU B 366 -5.81 27.27 -15.50
N VAL B 367 -5.87 27.43 -16.81
CA VAL B 367 -7.12 27.30 -17.55
C VAL B 367 -7.79 25.96 -17.24
N SER B 368 -7.00 24.92 -17.05
CA SER B 368 -7.54 23.58 -16.82
C SER B 368 -8.20 23.45 -15.45
N ILE B 369 -7.45 23.77 -14.40
CA ILE B 369 -7.97 23.71 -13.05
C ILE B 369 -9.16 24.66 -12.87
N GLU B 370 -9.10 25.81 -13.54
CA GLU B 370 -10.17 26.79 -13.47
C GLU B 370 -11.45 26.29 -14.12
N THR B 371 -11.32 25.74 -15.33
CA THR B 371 -12.48 25.20 -16.05
C THR B 371 -13.21 24.17 -15.21
N ILE B 372 -12.45 23.34 -14.50
CA ILE B 372 -13.03 22.29 -13.67
C ILE B 372 -13.69 22.90 -12.43
N GLU B 373 -12.97 23.77 -11.74
CA GLU B 373 -13.50 24.43 -10.56
C GLU B 373 -14.71 25.28 -10.89
N ALA B 374 -14.89 25.58 -12.17
CA ALA B 374 -15.99 26.42 -12.63
C ALA B 374 -17.21 25.60 -13.03
N GLY B 375 -17.18 24.31 -12.74
CA GLY B 375 -18.33 23.45 -12.99
C GLY B 375 -18.20 22.51 -14.17
N PHE B 376 -17.38 22.90 -15.15
CA PHE B 376 -17.21 22.08 -16.36
C PHE B 376 -16.18 20.98 -16.15
N MET B 377 -16.60 19.73 -16.30
CA MET B 377 -15.71 18.59 -16.08
C MET B 377 -16.22 17.33 -16.75
N THR B 378 -15.33 16.34 -16.89
CA THR B 378 -15.70 15.05 -17.46
C THR B 378 -16.46 14.19 -16.45
N LYS B 379 -16.85 12.98 -16.87
CA LYS B 379 -17.72 12.13 -16.06
C LYS B 379 -17.04 11.61 -14.80
N ASP B 380 -15.78 11.20 -14.93
CA ASP B 380 -15.05 10.63 -13.80
C ASP B 380 -14.97 11.60 -12.63
N LEU B 381 -14.87 12.90 -12.93
CA LEU B 381 -14.78 13.92 -11.91
C LEU B 381 -16.15 14.17 -11.28
N ALA B 382 -17.17 14.29 -12.11
CA ALA B 382 -18.53 14.43 -11.61
C ALA B 382 -18.88 13.24 -10.72
N ALA B 383 -18.09 12.17 -10.82
CA ALA B 383 -18.31 11.00 -9.99
C ALA B 383 -17.69 11.20 -8.61
N CYS B 384 -16.54 11.86 -8.56
CA CYS B 384 -15.88 12.12 -7.29
C CYS B 384 -16.74 13.00 -6.39
N ILE B 385 -17.44 13.96 -7.00
CA ILE B 385 -18.29 14.88 -6.27
C ILE B 385 -19.62 14.25 -5.86
N LYS B 386 -20.31 13.62 -6.81
CA LYS B 386 -21.65 13.12 -6.56
C LYS B 386 -21.74 11.61 -6.34
N GLY B 387 -20.73 10.87 -6.81
CA GLY B 387 -20.77 9.42 -6.75
C GLY B 387 -21.47 8.83 -7.96
N LEU B 388 -21.01 7.65 -8.40
CA LEU B 388 -21.54 7.03 -9.62
C LEU B 388 -23.06 7.10 -9.77
N PRO B 389 -23.80 6.44 -8.86
CA PRO B 389 -25.26 6.28 -9.02
C PRO B 389 -26.04 7.59 -8.98
N ASN B 390 -25.38 8.72 -8.75
CA ASN B 390 -26.06 10.00 -8.66
C ASN B 390 -25.63 11.01 -9.71
N VAL B 391 -24.95 10.51 -10.75
CA VAL B 391 -24.45 11.38 -11.80
C VAL B 391 -25.43 11.43 -12.97
N GLN B 392 -25.81 12.65 -13.34
CA GLN B 392 -26.69 12.86 -14.48
C GLN B 392 -25.87 13.32 -15.68
N ARG B 393 -26.45 13.22 -16.87
CA ARG B 393 -25.75 13.63 -18.09
C ARG B 393 -25.46 15.13 -18.10
N SER B 394 -26.20 15.88 -17.30
CA SER B 394 -26.06 17.33 -17.25
C SER B 394 -24.95 17.75 -16.28
N ASP B 395 -24.30 16.75 -15.67
CA ASP B 395 -23.30 17.02 -14.65
C ASP B 395 -21.88 17.03 -15.22
N TYR B 396 -21.73 16.64 -16.48
CA TYR B 396 -20.41 16.53 -17.08
C TYR B 396 -20.44 16.77 -18.59
N LEU B 397 -19.26 16.87 -19.19
CA LEU B 397 -19.15 17.02 -20.63
C LEU B 397 -18.44 15.82 -21.23
N ASN B 398 -18.77 15.49 -22.47
CA ASN B 398 -18.08 14.40 -23.15
C ASN B 398 -16.69 14.82 -23.57
N THR B 399 -15.87 13.83 -23.94
CA THR B 399 -14.48 14.08 -24.27
C THR B 399 -14.29 15.31 -25.15
N PHE B 400 -15.14 15.46 -26.15
CA PHE B 400 -14.96 16.52 -27.13
C PHE B 400 -15.50 17.86 -26.65
N GLU B 401 -16.49 17.81 -25.77
CA GLU B 401 -17.08 19.02 -25.23
C GLU B 401 -16.11 19.66 -24.25
N PHE B 402 -15.54 18.83 -23.39
CA PHE B 402 -14.60 19.30 -22.40
C PHE B 402 -13.39 19.94 -23.07
N MET B 403 -12.87 19.29 -24.10
CA MET B 403 -11.73 19.81 -24.85
C MET B 403 -12.07 21.15 -25.51
N ASP B 404 -13.28 21.25 -26.03
CA ASP B 404 -13.75 22.49 -26.63
C ASP B 404 -13.87 23.57 -25.57
N LYS B 405 -14.32 23.18 -24.39
CA LYS B 405 -14.46 24.10 -23.28
C LYS B 405 -13.10 24.66 -22.87
N LEU B 406 -12.12 23.78 -22.68
CA LEU B 406 -10.77 24.21 -22.33
C LEU B 406 -10.19 25.11 -23.41
N GLY B 407 -10.52 24.81 -24.66
CA GLY B 407 -10.05 25.62 -25.78
C GLY B 407 -10.49 27.06 -25.68
N GLU B 408 -11.79 27.26 -25.52
CA GLU B 408 -12.36 28.61 -25.42
C GLU B 408 -11.66 29.43 -24.35
N ASN B 409 -11.57 28.87 -23.14
CA ASN B 409 -10.97 29.55 -22.00
C ASN B 409 -9.48 29.86 -22.20
N LEU B 410 -8.74 28.91 -22.75
CA LEU B 410 -7.32 29.14 -23.02
C LEU B 410 -7.16 30.37 -23.90
N LYS B 411 -8.03 30.51 -24.89
CA LYS B 411 -7.98 31.63 -25.81
C LYS B 411 -8.24 32.95 -25.08
N ILE B 412 -9.18 32.90 -24.13
CA ILE B 412 -9.52 34.06 -23.33
C ILE B 412 -8.38 34.41 -22.39
N LYS B 413 -7.95 33.43 -21.61
CA LYS B 413 -6.86 33.60 -20.67
C LYS B 413 -5.65 34.24 -21.34
N LEU B 414 -5.31 33.75 -22.52
CA LEU B 414 -4.17 34.26 -23.26
C LEU B 414 -4.43 35.65 -23.80
N ALA B 415 -5.70 35.97 -24.00
CA ALA B 415 -6.09 37.30 -24.47
C ALA B 415 -5.97 38.34 -23.35
N GLN B 416 -6.46 38.01 -22.16
CA GLN B 416 -6.46 38.94 -21.05
C GLN B 416 -5.05 39.24 -20.53
N ALA B 417 -4.19 38.24 -20.57
CA ALA B 417 -2.82 38.39 -20.07
C ALA B 417 -1.95 39.21 -21.03
N LYS B 418 -2.45 39.42 -22.24
CA LYS B 418 -1.72 40.18 -23.24
C LYS B 418 -1.78 41.68 -22.96
PA NAP C . -3.06 2.81 19.32
O1A NAP C . -2.33 1.97 18.41
O2A NAP C . -3.84 2.19 20.38
O5B NAP C . -3.93 3.72 18.48
C5B NAP C . -3.29 4.84 17.93
C4B NAP C . -4.16 6.08 17.94
O4B NAP C . -5.13 5.84 16.96
C3B NAP C . -4.95 6.20 19.21
O3B NAP C . -4.23 7.00 20.12
C2B NAP C . -6.08 7.02 18.72
O2B NAP C . -5.56 8.29 18.39
C1B NAP C . -6.39 6.27 17.46
N9A NAP C . -7.17 5.10 17.85
C8A NAP C . -6.76 3.85 17.79
N7A NAP C . -7.73 3.05 18.22
C5A NAP C . -8.76 3.81 18.55
C6A NAP C . -10.02 3.55 19.04
N6A NAP C . -10.43 2.32 19.28
N1A NAP C . -10.85 4.56 19.28
C2A NAP C . -10.47 5.79 19.03
N3A NAP C . -9.27 6.08 18.57
C4A NAP C . -8.40 5.11 18.31
O3 NAP C . -2.09 3.84 19.92
PN NAP C . -0.60 3.59 20.11
O1N NAP C . 0.03 3.11 18.89
O2N NAP C . -0.02 4.72 20.78
O5D NAP C . -0.63 2.46 21.10
C5D NAP C . -0.09 2.70 22.36
C4D NAP C . 0.33 1.38 22.97
O4D NAP C . -0.18 0.43 22.06
C3D NAP C . 1.84 1.19 22.90
O3D NAP C . 2.36 0.90 24.19
C2D NAP C . 1.99 -0.05 22.04
O2D NAP C . 2.98 -0.87 22.61
C1D NAP C . 0.66 -0.66 22.31
N1N NAP C . 0.32 -1.66 21.34
C2N NAP C . -0.09 -2.87 21.81
C3N NAP C . -0.43 -3.87 20.93
C7N NAP C . -0.88 -5.16 21.50
O7N NAP C . -1.62 -5.89 20.84
N7N NAP C . -0.44 -5.43 22.73
C4N NAP C . -0.36 -3.66 19.57
C5N NAP C . 0.06 -2.43 19.11
C6N NAP C . 0.40 -1.42 19.99
P2B NAP C . -6.50 9.55 18.28
O1X NAP C . -6.51 9.80 16.74
O2X NAP C . -7.83 9.38 18.85
O3X NAP C . -5.70 10.75 18.89
C1 ICT D . 1.05 -6.67 17.75
O1 ICT D . -0.06 -6.16 17.76
O2 ICT D . 1.23 -8.04 17.73
C2 ICT D . 2.27 -5.80 17.72
O7 ICT D . 2.73 -5.55 16.45
C3 ICT D . 3.36 -6.24 18.67
C4 ICT D . 4.09 -5.14 19.36
C5 ICT D . 3.31 -3.95 19.78
O3 ICT D . 3.92 -2.71 19.86
O4 ICT D . 2.16 -4.08 20.16
C6 ICT D . 4.35 -7.16 18.05
O5 ICT D . 4.02 -8.26 17.65
O6 ICT D . 5.68 -6.89 18.23
PA NAP E . -6.32 2.43 -17.88
O1A NAP E . -5.24 2.17 -16.97
O2A NAP E . -6.07 3.26 -19.04
O5B NAP E . -7.50 2.96 -17.11
C5B NAP E . -8.58 2.09 -16.96
C4B NAP E . -9.66 2.73 -16.13
O4B NAP E . -9.04 3.84 -15.63
C3B NAP E . -10.64 3.27 -17.12
O3B NAP E . -11.71 2.39 -17.18
C2B NAP E . -11.17 4.45 -16.41
O2B NAP E . -12.17 3.95 -15.54
C1B NAP E . -9.98 4.89 -15.60
N9A NAP E . -9.29 5.98 -16.27
C8A NAP E . -7.99 6.09 -16.45
N7A NAP E . -7.71 7.22 -17.06
C5A NAP E . -8.84 7.87 -17.26
C6A NAP E . -9.19 9.08 -17.83
N6A NAP E . -8.31 9.90 -18.34
N1A NAP E . -10.46 9.43 -17.87
C2A NAP E . -11.38 8.65 -17.37
N3A NAP E . -11.10 7.49 -16.81
C4A NAP E . -9.84 7.07 -16.75
O3 NAP E . -6.88 1.11 -18.32
PN NAP E . -5.95 -0.05 -18.41
O1N NAP E . -5.12 -0.11 -17.22
O2N NAP E . -6.72 -1.22 -18.77
O5D NAP E . -5.05 0.33 -19.57
C5D NAP E . -5.24 -0.30 -20.81
C4D NAP E . -3.96 -0.26 -21.60
O4D NAP E . -3.20 0.67 -20.90
C3D NAP E . -3.21 -1.56 -21.41
O3D NAP E . -2.95 -2.10 -22.67
C2D NAP E . -1.89 -1.12 -20.84
O2D NAP E . -0.90 -1.75 -21.61
C1D NAP E . -1.89 0.32 -21.22
N1N NAP E . -1.12 1.08 -20.27
C2N NAP E . -0.21 2.03 -20.71
C3N NAP E . 0.52 2.76 -19.80
C7N NAP E . 1.50 3.80 -20.26
O7N NAP E . 1.45 4.94 -19.85
N7N NAP E . 2.41 3.38 -21.13
C4N NAP E . 0.33 2.55 -18.44
C5N NAP E . -0.58 1.61 -18.00
C6N NAP E . -1.29 0.89 -18.93
P2B NAP E . -13.63 3.75 -16.07
O1X NAP E . -14.52 4.00 -14.85
O2X NAP E . -14.04 4.53 -17.20
O3X NAP E . -13.79 2.21 -16.21
C1 ICT F . 4.08 2.31 -16.69
O1 ICT F . 3.39 3.25 -17.06
O2 ICT F . 5.20 2.54 -15.91
C2 ICT F . 3.61 0.90 -16.88
O7 ICT F . 3.20 0.31 -15.69
C3 ICT F . 4.57 0.06 -17.69
C4 ICT F . 3.92 -1.13 -18.32
C5 ICT F . 2.48 -0.96 -18.71
O3 ICT F . 2.15 0.12 -19.48
O4 ICT F . 1.65 -1.80 -18.41
C6 ICT F . 5.83 -0.27 -16.96
O5 ICT F . 6.65 0.60 -16.74
O6 ICT F . 6.27 -1.56 -16.99
#